data_3PDE
#
_entry.id   3PDE
#
_cell.length_a   48.539
_cell.length_b   51.171
_cell.length_c   126.567
_cell.angle_alpha   95.75
_cell.angle_beta   91.71
_cell.angle_gamma   105.31
#
_symmetry.space_group_name_H-M   'P 1'
#
loop_
_entity.id
_entity.type
_entity.pdbx_description
1 polymer 'Farnesyl-diphosphate synthase'
2 non-polymer 'DIMETHYLALLYL DIPHOSPHATE'
3 non-polymer 'MAGNESIUM ION'
4 non-polymer GLYCEROL
5 water water
#
_entity_poly.entity_id   1
_entity_poly.type   'polypeptide(L)'
_entity_poly.pdbx_seq_one_letter_code
;MSLINARLIAFEDQWVPALNAPLKQAILADSQDAQLAAAMTYSVLAGGKRLRPLLTVATMQSLGVTFVPERHWRPVMALE
LLHTYSLIHDDLPAMDNDALRRGEPTNHVKFGAGMATLAGDGLLTLAFQWLTATDLPATMQAALVQALATAAGPSGMVAG
QAKDIQSEHVNLPLSQLRVLHKEKTGALLHYAVQAGLILGQAPEAQWPAYLQFADAFGLAFQIYDDILDVVSSPAEMGKA
TQKDADEAKNTYPGKLGLIGANQALIDTIHSGQAALQGLPTSTQRDDLAAFFSYFDTERVNEGHHHHHH
;
_entity_poly.pdbx_strand_id   A,B,C,D
#
loop_
_chem_comp.id
_chem_comp.type
_chem_comp.name
_chem_comp.formula
DMA non-polymer 'DIMETHYLALLYL DIPHOSPHATE' 'C5 H12 O7 P2'
GOL non-polymer GLYCEROL 'C3 H8 O3'
MG non-polymer 'MAGNESIUM ION' 'Mg 2'
#
# COMPACT_ATOMS: atom_id res chain seq x y z
N SER A 2 -41.14 0.01 -6.46
CA SER A 2 -40.95 -1.29 -7.15
C SER A 2 -40.28 -2.30 -6.22
N LEU A 3 -40.27 -3.57 -6.62
CA LEU A 3 -39.79 -4.64 -5.76
C LEU A 3 -38.49 -5.24 -6.30
N ILE A 4 -37.63 -5.73 -5.41
CA ILE A 4 -36.45 -6.47 -5.84
C ILE A 4 -36.89 -7.83 -6.39
N ASN A 5 -36.31 -8.25 -7.51
CA ASN A 5 -36.65 -9.53 -8.12
C ASN A 5 -36.09 -10.67 -7.27
N ALA A 6 -36.89 -11.72 -7.06
CA ALA A 6 -36.42 -12.93 -6.37
C ALA A 6 -35.13 -13.51 -6.99
N ARG A 7 -34.95 -13.39 -8.31
CA ARG A 7 -33.73 -13.82 -9.02
C ARG A 7 -32.50 -13.12 -8.50
N LEU A 8 -32.65 -11.83 -8.21
CA LEU A 8 -31.51 -11.01 -7.78
C LEU A 8 -31.16 -11.37 -6.34
N ILE A 9 -32.18 -11.54 -5.50
CA ILE A 9 -31.96 -12.02 -4.13
C ILE A 9 -31.15 -13.32 -4.11
N ALA A 10 -31.58 -14.30 -4.90
CA ALA A 10 -30.91 -15.59 -5.02
C ALA A 10 -29.46 -15.43 -5.48
N PHE A 11 -29.28 -14.59 -6.49
CA PHE A 11 -27.94 -14.33 -7.03
C PHE A 11 -26.97 -13.73 -6.01
N GLU A 12 -27.39 -12.65 -5.33
CA GLU A 12 -26.53 -12.04 -4.32
C GLU A 12 -26.30 -12.96 -3.12
N ASP A 13 -27.31 -13.76 -2.73
CA ASP A 13 -27.14 -14.69 -1.61
C ASP A 13 -26.07 -15.75 -1.94
N GLN A 14 -26.01 -16.16 -3.21
CA GLN A 14 -24.97 -17.08 -3.66
C GLN A 14 -23.59 -16.40 -3.71
N TRP A 15 -23.54 -15.24 -4.36
CA TRP A 15 -22.26 -14.66 -4.79
C TRP A 15 -21.56 -13.69 -3.85
N VAL A 16 -22.32 -12.86 -3.14
CA VAL A 16 -21.71 -11.92 -2.22
C VAL A 16 -20.82 -12.62 -1.17
N PRO A 17 -21.35 -13.64 -0.47
CA PRO A 17 -20.45 -14.23 0.52
C PRO A 17 -19.28 -14.97 -0.12
N ALA A 18 -19.49 -15.56 -1.30
CA ALA A 18 -18.44 -16.31 -1.99
C ALA A 18 -17.35 -15.37 -2.49
N LEU A 19 -17.75 -14.19 -2.97
CA LEU A 19 -16.78 -13.18 -3.42
C LEU A 19 -16.01 -12.54 -2.27
N ASN A 20 -16.67 -12.38 -1.14
CA ASN A 20 -16.07 -11.75 0.03
C ASN A 20 -15.08 -12.61 0.80
N ALA A 21 -15.38 -13.91 0.90
CA ALA A 21 -14.66 -14.80 1.81
C ALA A 21 -13.13 -14.77 1.69
N PRO A 22 -12.59 -14.80 0.44
CA PRO A 22 -11.11 -14.86 0.35
C PRO A 22 -10.37 -13.53 0.51
N LEU A 23 -11.09 -12.41 0.67
CA LEU A 23 -10.48 -11.07 0.58
C LEU A 23 -9.37 -10.81 1.59
N LYS A 24 -9.62 -11.09 2.87
CA LYS A 24 -8.65 -10.78 3.89
C LYS A 24 -7.33 -11.54 3.70
N GLN A 25 -7.41 -12.86 3.49
CA GLN A 25 -6.22 -13.69 3.27
C GLN A 25 -5.44 -13.22 2.05
N ALA A 26 -6.17 -12.91 0.98
CA ALA A 26 -5.52 -12.54 -0.28
C ALA A 26 -4.78 -11.22 -0.21
N ILE A 27 -5.40 -10.20 0.38
CA ILE A 27 -4.78 -8.90 0.54
C ILE A 27 -3.51 -9.04 1.41
N LEU A 28 -3.64 -9.80 2.51
CA LEU A 28 -2.49 -10.03 3.41
C LEU A 28 -1.35 -10.79 2.73
N ALA A 29 -1.70 -11.81 1.93
CA ALA A 29 -0.69 -12.59 1.19
C ALA A 29 0.11 -11.73 0.22
N ASP A 30 -0.52 -10.70 -0.32
CA ASP A 30 0.10 -9.86 -1.35
C ASP A 30 0.68 -8.58 -0.78
N SER A 31 0.80 -8.53 0.55
CA SER A 31 1.35 -7.37 1.26
C SER A 31 2.61 -7.75 2.02
N GLN A 32 3.48 -6.77 2.18
CA GLN A 32 4.71 -6.94 2.97
C GLN A 32 4.81 -5.88 4.06
N ASP A 33 3.66 -5.35 4.45
CA ASP A 33 3.60 -4.47 5.62
C ASP A 33 2.30 -4.68 6.36
N ALA A 34 2.40 -5.01 7.65
CA ALA A 34 1.21 -5.32 8.45
C ALA A 34 0.17 -4.22 8.48
N GLN A 35 0.60 -2.99 8.78
CA GLN A 35 -0.33 -1.87 8.95
C GLN A 35 -0.96 -1.47 7.61
N LEU A 36 -0.14 -1.48 6.56
CA LEU A 36 -0.65 -1.22 5.20
C LEU A 36 -1.72 -2.25 4.84
N ALA A 37 -1.43 -3.53 5.08
CA ALA A 37 -2.37 -4.64 4.85
C ALA A 37 -3.67 -4.40 5.62
N ALA A 38 -3.53 -4.03 6.89
CA ALA A 38 -4.69 -3.79 7.73
C ALA A 38 -5.52 -2.59 7.25
N ALA A 39 -4.85 -1.56 6.73
CA ALA A 39 -5.53 -0.35 6.27
C ALA A 39 -6.30 -0.61 4.99
N MET A 40 -5.66 -1.33 4.07
CA MET A 40 -6.32 -1.70 2.80
C MET A 40 -7.53 -2.60 3.06
N THR A 41 -7.37 -3.57 3.96
CA THR A 41 -8.40 -4.56 4.25
C THR A 41 -9.58 -3.90 4.94
N TYR A 42 -9.27 -2.95 5.83
CA TYR A 42 -10.27 -2.23 6.62
C TYR A 42 -11.34 -1.63 5.73
N SER A 43 -10.90 -0.89 4.72
CA SER A 43 -11.81 -0.24 3.78
C SER A 43 -12.53 -1.20 2.85
N VAL A 44 -11.86 -2.27 2.43
CA VAL A 44 -12.51 -3.28 1.59
C VAL A 44 -13.61 -4.00 2.40
N LEU A 45 -13.30 -4.36 3.65
CA LEU A 45 -14.23 -5.17 4.46
C LEU A 45 -15.25 -4.37 5.25
N ALA A 46 -15.12 -3.04 5.28
CA ALA A 46 -16.04 -2.18 6.04
C ALA A 46 -17.51 -2.37 5.62
N GLY A 47 -17.70 -2.67 4.34
CA GLY A 47 -19.00 -2.97 3.80
C GLY A 47 -18.91 -2.87 2.29
N GLY A 48 -20.06 -2.80 1.64
CA GLY A 48 -20.11 -2.63 0.20
C GLY A 48 -21.10 -3.61 -0.40
N LYS A 49 -21.89 -3.13 -1.36
CA LYS A 49 -22.85 -3.97 -2.05
C LYS A 49 -22.19 -4.97 -3.02
N ARG A 50 -20.93 -4.71 -3.36
CA ARG A 50 -20.17 -5.49 -4.37
C ARG A 50 -20.85 -5.49 -5.73
N LEU A 51 -21.55 -4.42 -6.05
CA LEU A 51 -22.31 -4.35 -7.29
CA LEU A 51 -22.31 -4.33 -7.30
C LEU A 51 -21.45 -4.61 -8.53
N ARG A 52 -20.25 -4.02 -8.53
CA ARG A 52 -19.34 -4.13 -9.66
C ARG A 52 -18.88 -5.57 -9.95
N PRO A 53 -18.29 -6.28 -8.97
CA PRO A 53 -17.91 -7.66 -9.26
C PRO A 53 -19.12 -8.56 -9.47
N LEU A 54 -20.26 -8.28 -8.82
CA LEU A 54 -21.46 -9.09 -9.07
C LEU A 54 -21.86 -8.99 -10.53
N LEU A 55 -21.79 -7.78 -11.08
CA LEU A 55 -22.10 -7.58 -12.49
C LEU A 55 -21.17 -8.38 -13.38
N THR A 56 -19.89 -8.39 -13.06
CA THR A 56 -18.93 -9.19 -13.85
C THR A 56 -19.33 -10.67 -13.84
N VAL A 57 -19.66 -11.20 -12.66
CA VAL A 57 -20.02 -12.61 -12.56
C VAL A 57 -21.31 -12.93 -13.28
N ALA A 58 -22.30 -12.05 -13.14
CA ALA A 58 -23.61 -12.25 -13.78
C ALA A 58 -23.42 -12.20 -15.29
N THR A 59 -22.51 -11.33 -15.73
CA THR A 59 -22.17 -11.26 -17.17
C THR A 59 -21.55 -12.58 -17.66
N MET A 60 -20.57 -13.09 -16.89
CA MET A 60 -19.92 -14.35 -17.22
C MET A 60 -20.93 -15.51 -17.28
N GLN A 61 -21.83 -15.57 -16.30
CA GLN A 61 -22.84 -16.63 -16.22
CA GLN A 61 -22.80 -16.66 -16.26
C GLN A 61 -23.76 -16.58 -17.43
N SER A 62 -24.09 -15.34 -17.84
CA SER A 62 -24.97 -15.08 -18.99
C SER A 62 -24.34 -15.44 -20.34
N LEU A 63 -23.03 -15.70 -20.32
CA LEU A 63 -22.31 -16.17 -21.49
C LEU A 63 -22.08 -17.67 -21.41
N GLY A 64 -22.62 -18.32 -20.37
CA GLY A 64 -22.47 -19.76 -20.21
C GLY A 64 -21.11 -20.19 -19.71
N VAL A 65 -20.38 -19.27 -19.07
CA VAL A 65 -19.04 -19.53 -18.62
C VAL A 65 -19.01 -19.67 -17.10
N THR A 66 -18.48 -20.81 -16.65
CA THR A 66 -18.41 -21.12 -15.21
C THR A 66 -17.29 -20.36 -14.52
N PHE A 67 -17.66 -19.67 -13.45
CA PHE A 67 -16.69 -19.01 -12.57
C PHE A 67 -15.87 -20.08 -11.82
N VAL A 68 -14.56 -19.98 -11.94
CA VAL A 68 -13.63 -20.89 -11.26
C VAL A 68 -12.75 -20.01 -10.39
N PRO A 69 -12.86 -20.15 -9.05
CA PRO A 69 -12.20 -19.21 -8.15
C PRO A 69 -10.70 -19.05 -8.36
N GLU A 70 -9.99 -20.15 -8.59
CA GLU A 70 -8.53 -20.11 -8.75
C GLU A 70 -8.13 -19.40 -10.03
N ARG A 71 -9.05 -19.32 -10.98
CA ARG A 71 -8.77 -18.61 -12.23
C ARG A 71 -9.38 -17.22 -12.26
N HIS A 72 -10.56 -17.06 -11.66
CA HIS A 72 -11.38 -15.85 -11.85
C HIS A 72 -11.54 -14.94 -10.67
N TRP A 73 -11.30 -15.42 -9.45
CA TRP A 73 -11.62 -14.63 -8.29
C TRP A 73 -10.76 -13.37 -8.20
N ARG A 74 -9.43 -13.50 -8.32
CA ARG A 74 -8.55 -12.31 -8.26
C ARG A 74 -8.90 -11.33 -9.40
N PRO A 75 -9.05 -11.83 -10.64
CA PRO A 75 -9.36 -10.83 -11.68
C PRO A 75 -10.70 -10.11 -11.47
N VAL A 76 -11.72 -10.87 -11.07
CA VAL A 76 -13.03 -10.25 -10.81
C VAL A 76 -12.98 -9.28 -9.64
N MET A 77 -12.29 -9.66 -8.56
CA MET A 77 -12.26 -8.82 -7.39
C MET A 77 -11.25 -7.66 -7.47
N ALA A 78 -10.38 -7.67 -8.49
CA ALA A 78 -9.53 -6.50 -8.78
C ALA A 78 -10.38 -5.23 -8.90
N LEU A 79 -11.53 -5.36 -9.57
CA LEU A 79 -12.44 -4.23 -9.69
C LEU A 79 -12.95 -3.69 -8.35
N GLU A 80 -13.20 -4.59 -7.40
CA GLU A 80 -13.61 -4.17 -6.06
C GLU A 80 -12.47 -3.48 -5.29
N LEU A 81 -11.23 -3.96 -5.48
CA LEU A 81 -10.09 -3.27 -4.88
C LEU A 81 -9.99 -1.84 -5.39
N LEU A 82 -10.12 -1.70 -6.71
CA LEU A 82 -10.02 -0.39 -7.35
C LEU A 82 -11.15 0.53 -6.90
N HIS A 83 -12.38 0.02 -6.94
CA HIS A 83 -13.52 0.78 -6.45
C HIS A 83 -13.27 1.26 -5.00
N THR A 84 -12.78 0.37 -4.15
CA THR A 84 -12.52 0.71 -2.75
C THR A 84 -11.47 1.82 -2.65
N TYR A 85 -10.38 1.71 -3.43
CA TYR A 85 -9.37 2.78 -3.45
C TYR A 85 -9.98 4.14 -3.78
N SER A 86 -10.88 4.19 -4.76
CA SER A 86 -11.47 5.45 -5.17
C SER A 86 -12.24 6.11 -4.05
N LEU A 87 -12.86 5.29 -3.20
CA LEU A 87 -13.58 5.74 -2.01
C LEU A 87 -12.64 6.27 -0.93
N ILE A 88 -11.52 5.60 -0.70
CA ILE A 88 -10.53 6.07 0.27
C ILE A 88 -10.04 7.47 -0.10
N HIS A 89 -9.59 7.63 -1.35
CA HIS A 89 -9.08 8.91 -1.80
C HIS A 89 -10.15 9.99 -1.85
N ASP A 90 -11.37 9.61 -2.20
CA ASP A 90 -12.50 10.55 -2.23
C ASP A 90 -12.82 11.14 -0.85
N ASP A 91 -12.66 10.32 0.20
CA ASP A 91 -12.94 10.76 1.58
C ASP A 91 -11.85 11.59 2.24
N LEU A 92 -10.67 11.65 1.62
CA LEU A 92 -9.50 12.32 2.20
C LEU A 92 -9.76 13.80 2.51
N PRO A 93 -9.02 14.36 3.49
CA PRO A 93 -9.13 15.79 3.82
C PRO A 93 -8.95 16.72 2.62
N ALA A 94 -8.09 16.35 1.67
CA ALA A 94 -7.83 17.17 0.47
C ALA A 94 -8.99 17.13 -0.52
N MET A 95 -9.87 16.14 -0.36
CA MET A 95 -10.99 15.92 -1.25
C MET A 95 -12.30 16.27 -0.55
N ASP A 96 -13.07 15.26 -0.17
CA ASP A 96 -14.39 15.47 0.47
C ASP A 96 -14.37 15.53 2.00
N ASN A 97 -13.25 15.14 2.60
CA ASN A 97 -13.02 15.30 4.05
C ASN A 97 -14.16 14.71 4.88
N ASP A 98 -14.43 13.43 4.63
CA ASP A 98 -15.53 12.73 5.30
C ASP A 98 -15.06 11.93 6.51
N ALA A 99 -15.97 11.81 7.48
CA ALA A 99 -15.70 11.12 8.74
C ALA A 99 -16.18 9.66 8.72
N LEU A 100 -17.20 9.37 7.91
CA LEU A 100 -17.77 8.00 7.78
C LEU A 100 -17.84 7.48 6.35
N ARG A 101 -17.59 6.18 6.18
CA ARG A 101 -17.71 5.49 4.89
C ARG A 101 -18.04 4.01 5.14
N ARG A 102 -19.02 3.48 4.41
CA ARG A 102 -19.48 2.09 4.59
C ARG A 102 -19.86 1.80 6.07
N GLY A 103 -20.42 2.81 6.74
CA GLY A 103 -20.86 2.71 8.14
C GLY A 103 -19.77 2.66 9.20
N GLU A 104 -18.53 3.01 8.82
CA GLU A 104 -17.37 2.93 9.70
C GLU A 104 -16.54 4.21 9.58
N PRO A 105 -15.69 4.52 10.59
CA PRO A 105 -14.82 5.68 10.43
C PRO A 105 -13.99 5.58 9.15
N THR A 106 -13.78 6.71 8.48
CA THR A 106 -13.04 6.69 7.22
C THR A 106 -11.60 6.27 7.48
N ASN A 107 -10.94 5.76 6.45
CA ASN A 107 -9.58 5.25 6.55
C ASN A 107 -8.60 6.22 7.23
N HIS A 108 -8.61 7.48 6.81
CA HIS A 108 -7.68 8.49 7.33
C HIS A 108 -7.94 8.83 8.79
N VAL A 109 -9.20 8.74 9.21
CA VAL A 109 -9.54 8.95 10.62
C VAL A 109 -8.90 7.86 11.48
N LYS A 110 -8.90 6.63 10.96
CA LYS A 110 -8.39 5.48 11.70
C LYS A 110 -6.87 5.34 11.62
N PHE A 111 -6.29 5.60 10.45
CA PHE A 111 -4.87 5.33 10.19
C PHE A 111 -3.98 6.56 9.97
N GLY A 112 -4.61 7.72 9.83
CA GLY A 112 -3.87 8.92 9.45
C GLY A 112 -4.03 9.10 7.95
N ALA A 113 -3.98 10.36 7.53
CA ALA A 113 -4.17 10.74 6.14
C ALA A 113 -3.08 10.17 5.25
N GLY A 114 -1.86 10.08 5.79
CA GLY A 114 -0.72 9.55 5.02
C GLY A 114 -0.91 8.08 4.68
N MET A 115 -1.17 7.27 5.71
CA MET A 115 -1.44 5.85 5.53
C MET A 115 -2.71 5.56 4.72
N ALA A 116 -3.73 6.40 4.86
CA ALA A 116 -4.94 6.26 4.03
C ALA A 116 -4.62 6.47 2.55
N THR A 117 -3.82 7.48 2.26
CA THR A 117 -3.42 7.77 0.87
C THR A 117 -2.68 6.57 0.28
N LEU A 118 -1.74 6.03 1.05
CA LEU A 118 -1.00 4.84 0.66
C LEU A 118 -1.89 3.61 0.53
N ALA A 119 -2.87 3.44 1.43
CA ALA A 119 -3.81 2.32 1.28
C ALA A 119 -4.55 2.36 -0.06
N GLY A 120 -5.00 3.56 -0.47
CA GLY A 120 -5.57 3.77 -1.81
C GLY A 120 -4.60 3.43 -2.92
N ASP A 121 -3.37 3.93 -2.82
CA ASP A 121 -2.35 3.67 -3.87
C ASP A 121 -2.06 2.17 -3.98
N GLY A 122 -1.97 1.53 -2.82
CA GLY A 122 -1.76 0.09 -2.72
C GLY A 122 -2.87 -0.71 -3.36
N LEU A 123 -4.13 -0.33 -3.12
CA LEU A 123 -5.26 -1.07 -3.67
C LEU A 123 -5.37 -0.89 -5.21
N LEU A 124 -5.12 0.34 -5.66
CA LEU A 124 -5.11 0.64 -7.10
C LEU A 124 -4.07 -0.25 -7.79
N THR A 125 -2.86 -0.27 -7.26
CA THR A 125 -1.82 -1.11 -7.83
C THR A 125 -2.12 -2.60 -7.76
N LEU A 126 -2.60 -3.05 -6.60
CA LEU A 126 -2.89 -4.48 -6.39
C LEU A 126 -3.94 -4.98 -7.37
N ALA A 127 -4.89 -4.12 -7.73
CA ALA A 127 -5.87 -4.44 -8.74
C ALA A 127 -5.20 -4.94 -10.03
N PHE A 128 -4.13 -4.27 -10.46
CA PHE A 128 -3.46 -4.71 -11.69
C PHE A 128 -2.64 -5.97 -11.51
N GLN A 129 -2.10 -6.18 -10.31
CA GLN A 129 -1.48 -7.46 -9.99
C GLN A 129 -2.52 -8.59 -10.04
N TRP A 130 -3.70 -8.36 -9.49
CA TRP A 130 -4.72 -9.42 -9.46
C TRP A 130 -5.25 -9.77 -10.83
N LEU A 131 -5.35 -8.79 -11.73
CA LEU A 131 -5.80 -9.05 -13.10
C LEU A 131 -4.87 -10.02 -13.82
N THR A 132 -3.60 -9.99 -13.44
CA THR A 132 -2.57 -10.76 -14.13
C THR A 132 -1.98 -11.88 -13.25
N ALA A 133 -2.67 -12.21 -12.17
CA ALA A 133 -2.14 -13.14 -11.17
C ALA A 133 -2.52 -14.60 -11.41
N THR A 134 -3.40 -14.88 -12.37
CA THR A 134 -3.92 -16.24 -12.47
C THR A 134 -3.62 -16.85 -13.85
N ASP A 135 -4.07 -18.08 -14.06
CA ASP A 135 -3.71 -18.77 -15.32
C ASP A 135 -4.76 -18.51 -16.37
N LEU A 136 -4.81 -17.28 -16.87
CA LEU A 136 -5.71 -16.93 -17.95
C LEU A 136 -4.82 -16.64 -19.13
N PRO A 137 -5.34 -16.78 -20.37
CA PRO A 137 -4.54 -16.43 -21.54
C PRO A 137 -4.03 -15.01 -21.48
N ALA A 138 -2.78 -14.82 -21.91
CA ALA A 138 -2.16 -13.51 -21.85
C ALA A 138 -2.95 -12.46 -22.64
N THR A 139 -3.55 -12.85 -23.76
CA THR A 139 -4.42 -11.95 -24.53
C THR A 139 -5.59 -11.42 -23.70
N MET A 140 -6.19 -12.31 -22.91
CA MET A 140 -7.32 -11.95 -22.04
C MET A 140 -6.84 -11.05 -20.88
N GLN A 141 -5.69 -11.38 -20.30
CA GLN A 141 -5.10 -10.57 -19.23
C GLN A 141 -4.79 -9.17 -19.72
N ALA A 142 -4.18 -9.06 -20.89
CA ALA A 142 -3.83 -7.75 -21.42
C ALA A 142 -5.07 -6.90 -21.72
N ALA A 143 -6.10 -7.54 -22.28
CA ALA A 143 -7.35 -6.85 -22.56
C ALA A 143 -8.02 -6.33 -21.28
N LEU A 144 -8.02 -7.12 -20.22
CA LEU A 144 -8.55 -6.68 -18.92
C LEU A 144 -7.81 -5.45 -18.39
N VAL A 145 -6.48 -5.49 -18.44
CA VAL A 145 -5.66 -4.38 -17.96
C VAL A 145 -5.95 -3.12 -18.76
N GLN A 146 -5.95 -3.26 -20.09
CA GLN A 146 -6.24 -2.10 -20.93
C GLN A 146 -7.62 -1.51 -20.63
N ALA A 147 -8.63 -2.38 -20.52
CA ALA A 147 -10.01 -1.96 -20.18
C ALA A 147 -10.12 -1.29 -18.83
N LEU A 148 -9.53 -1.89 -17.80
CA LEU A 148 -9.59 -1.33 -16.45
C LEU A 148 -8.86 0.01 -16.33
N ALA A 149 -7.65 0.08 -16.88
CA ALA A 149 -6.89 1.33 -16.82
C ALA A 149 -7.63 2.45 -17.57
N THR A 150 -8.24 2.10 -18.72
CA THR A 150 -9.00 3.08 -19.50
C THR A 150 -10.21 3.57 -18.69
N ALA A 151 -10.92 2.63 -18.06
CA ALA A 151 -12.10 2.97 -17.25
C ALA A 151 -11.74 3.78 -16.00
N ALA A 152 -10.60 3.46 -15.42
CA ALA A 152 -10.24 4.03 -14.12
C ALA A 152 -9.40 5.30 -14.17
N GLY A 153 -8.77 5.59 -15.31
CA GLY A 153 -7.72 6.58 -15.34
C GLY A 153 -8.16 7.99 -15.74
N PRO A 154 -7.23 8.73 -16.37
CA PRO A 154 -7.50 10.16 -16.59
C PRO A 154 -8.45 10.46 -17.78
N SER A 155 -9.01 9.43 -18.41
CA SER A 155 -10.16 9.63 -19.32
C SER A 155 -11.43 9.03 -18.74
N GLY A 156 -11.30 8.42 -17.57
CA GLY A 156 -12.40 7.74 -16.92
C GLY A 156 -12.61 8.24 -15.52
N MET A 157 -12.58 7.34 -14.54
CA MET A 157 -12.93 7.69 -13.17
CA MET A 157 -12.91 7.68 -13.14
C MET A 157 -12.15 8.89 -12.61
N VAL A 158 -10.84 8.93 -12.83
CA VAL A 158 -10.05 10.06 -12.32
C VAL A 158 -10.41 11.41 -13.01
N ALA A 159 -10.70 11.35 -14.31
CA ALA A 159 -11.17 12.53 -15.04
C ALA A 159 -12.48 13.02 -14.43
N GLY A 160 -13.34 12.08 -14.04
CA GLY A 160 -14.63 12.40 -13.42
C GLY A 160 -14.44 13.03 -12.06
N GLN A 161 -13.50 12.48 -11.29
CA GLN A 161 -13.12 13.06 -10.00
C GLN A 161 -12.55 14.48 -10.16
N ALA A 162 -11.78 14.71 -11.24
CA ALA A 162 -11.17 16.02 -11.53
C ALA A 162 -12.26 17.03 -11.84
N LYS A 163 -13.17 16.65 -12.72
CA LYS A 163 -14.33 17.46 -13.04
C LYS A 163 -15.16 17.79 -11.81
N ASP A 164 -15.25 16.85 -10.87
CA ASP A 164 -15.99 17.07 -9.63
CA ASP A 164 -16.00 17.09 -9.64
C ASP A 164 -15.34 18.15 -8.77
N ILE A 165 -14.01 18.12 -8.66
CA ILE A 165 -13.25 19.16 -7.93
C ILE A 165 -13.62 20.51 -8.50
N GLN A 166 -13.53 20.59 -9.83
CA GLN A 166 -13.66 21.84 -10.57
C GLN A 166 -15.09 22.36 -10.61
N SER A 167 -16.05 21.48 -10.29
CA SER A 167 -17.48 21.82 -10.33
C SER A 167 -18.09 22.05 -8.95
N GLU A 168 -17.26 22.02 -7.91
CA GLU A 168 -17.67 22.09 -6.50
C GLU A 168 -18.66 23.23 -6.16
N HIS A 169 -18.40 24.43 -6.67
CA HIS A 169 -19.30 25.57 -6.47
C HIS A 169 -19.85 26.13 -7.80
N VAL A 170 -19.98 25.24 -8.78
CA VAL A 170 -20.50 25.57 -10.10
C VAL A 170 -21.78 24.77 -10.32
N ASN A 171 -22.87 25.46 -10.65
CA ASN A 171 -24.11 24.77 -10.98
C ASN A 171 -24.05 24.38 -12.45
N LEU A 172 -23.80 23.09 -12.69
CA LEU A 172 -23.56 22.58 -14.04
C LEU A 172 -24.85 22.47 -14.81
N PRO A 173 -24.80 22.72 -16.13
CA PRO A 173 -25.95 22.28 -16.92
C PRO A 173 -26.02 20.76 -16.88
N LEU A 174 -27.22 20.20 -17.02
CA LEU A 174 -27.41 18.75 -17.06
C LEU A 174 -26.50 18.06 -18.10
N SER A 175 -26.37 18.64 -19.30
CA SER A 175 -25.53 18.06 -20.36
C SER A 175 -24.09 17.87 -19.93
N GLN A 176 -23.57 18.83 -19.17
CA GLN A 176 -22.24 18.71 -18.62
C GLN A 176 -22.18 17.70 -17.47
N LEU A 177 -23.22 17.65 -16.65
CA LEU A 177 -23.32 16.68 -15.56
C LEU A 177 -23.32 15.24 -16.10
N ARG A 178 -23.92 15.02 -17.27
CA ARG A 178 -23.95 13.68 -17.87
C ARG A 178 -22.55 13.18 -18.20
N VAL A 179 -21.71 14.09 -18.70
CA VAL A 179 -20.32 13.77 -19.05
C VAL A 179 -19.53 13.43 -17.79
N LEU A 180 -19.71 14.25 -16.75
CA LEU A 180 -19.08 14.05 -15.44
C LEU A 180 -19.44 12.67 -14.87
N HIS A 181 -20.73 12.36 -14.86
CA HIS A 181 -21.22 11.07 -14.35
C HIS A 181 -20.68 9.88 -15.13
N LYS A 182 -20.64 10.00 -16.44
CA LYS A 182 -20.18 8.92 -17.29
C LYS A 182 -18.73 8.58 -16.97
N GLU A 183 -17.91 9.58 -16.65
CA GLU A 183 -16.51 9.37 -16.28
C GLU A 183 -16.40 8.87 -14.84
N LYS A 184 -17.01 9.62 -13.92
CA LYS A 184 -16.85 9.40 -12.46
C LYS A 184 -17.42 8.06 -11.94
N THR A 185 -18.61 7.69 -12.41
CA THR A 185 -19.27 6.43 -12.00
C THR A 185 -19.64 5.50 -13.13
N GLY A 186 -19.92 6.04 -14.31
CA GLY A 186 -20.33 5.23 -15.46
C GLY A 186 -19.24 4.25 -15.92
N ALA A 187 -18.02 4.75 -16.03
CA ALA A 187 -16.94 3.95 -16.61
C ALA A 187 -16.58 2.65 -15.86
N LEU A 188 -16.57 2.64 -14.53
CA LEU A 188 -16.28 1.40 -13.81
C LEU A 188 -17.44 0.41 -13.90
N LEU A 189 -18.67 0.92 -13.99
CA LEU A 189 -19.83 0.06 -14.23
C LEU A 189 -19.87 -0.49 -15.67
N HIS A 190 -19.42 0.31 -16.64
CA HIS A 190 -19.21 -0.15 -18.01
C HIS A 190 -18.16 -1.26 -18.00
N TYR A 191 -17.05 -1.03 -17.29
CA TYR A 191 -15.98 -2.02 -17.23
C TYR A 191 -16.47 -3.32 -16.55
N ALA A 192 -17.27 -3.19 -15.49
CA ALA A 192 -17.78 -4.38 -14.77
C ALA A 192 -18.35 -5.40 -15.73
N VAL A 193 -19.17 -4.93 -16.67
CA VAL A 193 -19.74 -5.80 -17.69
C VAL A 193 -18.70 -6.19 -18.74
N GLN A 194 -17.93 -5.21 -19.22
CA GLN A 194 -16.85 -5.45 -20.19
C GLN A 194 -15.88 -6.55 -19.72
N ALA A 195 -15.50 -6.53 -18.43
CA ALA A 195 -14.67 -7.60 -17.89
C ALA A 195 -15.33 -8.99 -18.04
N GLY A 196 -16.64 -9.08 -17.83
CA GLY A 196 -17.37 -10.34 -18.01
C GLY A 196 -17.36 -10.77 -19.48
N LEU A 197 -17.45 -9.80 -20.38
CA LEU A 197 -17.35 -10.10 -21.81
C LEU A 197 -15.96 -10.64 -22.19
N ILE A 198 -14.94 -10.06 -21.58
CA ILE A 198 -13.58 -10.50 -21.82
C ILE A 198 -13.34 -11.91 -21.23
N LEU A 199 -13.66 -12.07 -19.94
CA LEU A 199 -13.50 -13.37 -19.30
C LEU A 199 -14.37 -14.48 -19.88
N GLY A 200 -15.59 -14.14 -20.31
CA GLY A 200 -16.50 -15.11 -20.92
C GLY A 200 -16.33 -15.28 -22.43
N GLN A 201 -15.35 -14.59 -22.99
CA GLN A 201 -15.05 -14.58 -24.44
C GLN A 201 -16.30 -14.36 -25.27
N ALA A 202 -17.01 -13.27 -25.00
CA ALA A 202 -18.28 -12.99 -25.65
C ALA A 202 -17.99 -12.72 -27.12
N PRO A 203 -18.76 -13.34 -28.01
CA PRO A 203 -18.61 -13.06 -29.45
C PRO A 203 -18.80 -11.57 -29.71
N GLU A 204 -18.04 -11.00 -30.65
CA GLU A 204 -18.07 -9.55 -30.91
C GLU A 204 -19.48 -8.97 -31.13
N ALA A 205 -20.32 -9.72 -31.86
CA ALA A 205 -21.69 -9.31 -32.17
C ALA A 205 -22.57 -9.06 -30.94
N GLN A 206 -22.19 -9.62 -29.80
CA GLN A 206 -22.94 -9.45 -28.55
C GLN A 206 -22.49 -8.22 -27.76
N TRP A 207 -21.31 -7.69 -28.06
CA TRP A 207 -20.77 -6.54 -27.30
C TRP A 207 -21.64 -5.28 -27.25
N PRO A 208 -22.22 -4.83 -28.40
CA PRO A 208 -23.06 -3.63 -28.33
C PRO A 208 -24.25 -3.74 -27.38
N ALA A 209 -24.97 -4.86 -27.40
CA ALA A 209 -26.13 -5.02 -26.51
C ALA A 209 -25.71 -5.07 -25.05
N TYR A 210 -24.68 -5.84 -24.72
CA TYR A 210 -24.20 -5.88 -23.34
C TYR A 210 -23.69 -4.53 -22.84
N LEU A 211 -22.98 -3.79 -23.68
CA LEU A 211 -22.40 -2.51 -23.27
C LEU A 211 -23.44 -1.37 -23.23
N GLN A 212 -24.50 -1.47 -24.03
CA GLN A 212 -25.60 -0.54 -23.91
C GLN A 212 -26.32 -0.83 -22.59
N PHE A 213 -26.50 -2.11 -22.27
CA PHE A 213 -27.06 -2.50 -20.94
C PHE A 213 -26.18 -1.90 -19.81
N ALA A 214 -24.87 -2.08 -19.94
CA ALA A 214 -23.90 -1.60 -18.93
C ALA A 214 -23.96 -0.09 -18.71
N ASP A 215 -24.04 0.68 -19.79
CA ASP A 215 -24.08 2.13 -19.71
C ASP A 215 -25.38 2.59 -19.09
N ALA A 216 -26.46 1.86 -19.41
CA ALA A 216 -27.77 2.19 -18.85
C ALA A 216 -27.76 1.86 -17.35
N PHE A 217 -27.17 0.73 -16.98
CA PHE A 217 -27.06 0.37 -15.56
C PHE A 217 -26.24 1.39 -14.80
N GLY A 218 -25.11 1.81 -15.39
CA GLY A 218 -24.29 2.87 -14.76
C GLY A 218 -25.00 4.21 -14.57
N LEU A 219 -25.75 4.61 -15.59
CA LEU A 219 -26.56 5.83 -15.49
C LEU A 219 -27.68 5.66 -14.42
N ALA A 220 -28.42 4.56 -14.46
CA ALA A 220 -29.47 4.30 -13.45
C ALA A 220 -28.90 4.32 -12.02
N PHE A 221 -27.74 3.69 -11.86
CA PHE A 221 -27.01 3.69 -10.58
C PHE A 221 -26.81 5.11 -10.04
N GLN A 222 -26.36 6.01 -10.92
CA GLN A 222 -26.02 7.36 -10.49
C GLN A 222 -27.28 8.18 -10.19
N ILE A 223 -28.31 8.02 -11.03
CA ILE A 223 -29.59 8.75 -10.81
C ILE A 223 -30.17 8.28 -9.47
N TYR A 224 -30.14 6.96 -9.22
CA TYR A 224 -30.64 6.40 -7.95
C TYR A 224 -29.84 6.89 -6.74
N ASP A 225 -28.51 6.96 -6.88
CA ASP A 225 -27.62 7.48 -5.82
C ASP A 225 -27.99 8.97 -5.50
N ASP A 226 -28.24 9.76 -6.55
CA ASP A 226 -28.69 11.16 -6.42
C ASP A 226 -30.05 11.22 -5.71
N ILE A 227 -30.97 10.34 -6.10
CA ILE A 227 -32.28 10.22 -5.43
C ILE A 227 -32.13 9.83 -3.96
N LEU A 228 -31.27 8.86 -3.68
CA LEU A 228 -31.01 8.43 -2.29
C LEU A 228 -30.40 9.54 -1.43
N ASP A 229 -29.56 10.38 -2.03
CA ASP A 229 -28.99 11.52 -1.31
C ASP A 229 -30.05 12.51 -0.82
N VAL A 230 -31.13 12.68 -1.58
CA VAL A 230 -32.26 13.53 -1.15
C VAL A 230 -33.18 12.81 -0.14
N VAL A 231 -33.67 11.61 -0.46
CA VAL A 231 -34.69 10.96 0.38
C VAL A 231 -34.20 10.24 1.64
N SER A 232 -32.93 9.85 1.68
CA SER A 232 -32.42 9.00 2.76
C SER A 232 -31.49 9.72 3.73
N SER A 233 -31.16 9.05 4.83
CA SER A 233 -30.31 9.60 5.88
C SER A 233 -28.82 9.37 5.60
N ALA A 245 -25.64 21.86 -0.21
CA ALA A 245 -26.63 22.52 -1.07
C ALA A 245 -26.08 22.81 -2.47
N ASP A 246 -24.86 23.35 -2.54
CA ASP A 246 -24.17 23.65 -3.81
C ASP A 246 -23.81 22.41 -4.61
N GLU A 247 -23.45 21.34 -3.88
CA GLU A 247 -23.19 20.02 -4.48
C GLU A 247 -24.45 19.16 -4.57
N ALA A 248 -25.50 19.57 -3.85
CA ALA A 248 -26.83 19.00 -4.05
C ALA A 248 -27.44 19.56 -5.33
N LYS A 249 -26.91 20.69 -5.81
CA LYS A 249 -27.32 21.26 -7.06
C LYS A 249 -26.87 20.42 -8.28
N ASN A 250 -25.72 19.76 -8.16
CA ASN A 250 -25.20 18.91 -9.24
C ASN A 250 -25.67 17.46 -9.09
N THR A 251 -26.98 17.32 -8.98
CA THR A 251 -27.63 16.03 -8.89
C THR A 251 -28.85 16.02 -9.83
N TYR A 252 -29.33 14.83 -10.20
CA TYR A 252 -30.59 14.73 -10.95
C TYR A 252 -31.79 15.44 -10.31
N PRO A 253 -32.05 15.22 -9.00
CA PRO A 253 -33.17 15.98 -8.45
C PRO A 253 -32.90 17.48 -8.41
N GLY A 254 -31.63 17.86 -8.29
CA GLY A 254 -31.22 19.28 -8.29
C GLY A 254 -31.51 19.97 -9.61
N LYS A 255 -31.36 19.23 -10.70
CA LYS A 255 -31.59 19.76 -12.02
C LYS A 255 -33.06 19.67 -12.41
N LEU A 256 -33.69 18.53 -12.12
CA LEU A 256 -34.96 18.16 -12.74
C LEU A 256 -36.15 18.12 -11.80
N GLY A 257 -35.88 18.22 -10.50
CA GLY A 257 -36.87 17.88 -9.48
C GLY A 257 -36.85 16.40 -9.21
N LEU A 258 -37.45 16.00 -8.08
CA LEU A 258 -37.51 14.60 -7.67
C LEU A 258 -38.30 13.73 -8.64
N ILE A 259 -39.46 14.23 -9.08
CA ILE A 259 -40.30 13.52 -10.04
C ILE A 259 -39.58 13.36 -11.37
N GLY A 260 -38.94 14.42 -11.82
CA GLY A 260 -38.15 14.38 -13.07
C GLY A 260 -36.94 13.45 -12.98
N ALA A 261 -36.29 13.41 -11.82
CA ALA A 261 -35.18 12.47 -11.58
C ALA A 261 -35.70 11.05 -11.65
N ASN A 262 -36.84 10.80 -11.00
CA ASN A 262 -37.43 9.47 -11.04
C ASN A 262 -37.92 9.04 -12.42
N GLN A 263 -38.41 10.00 -13.24
CA GLN A 263 -38.71 9.71 -14.66
C GLN A 263 -37.46 9.34 -15.45
N ALA A 264 -36.36 10.03 -15.17
CA ALA A 264 -35.09 9.70 -15.79
C ALA A 264 -34.67 8.27 -15.42
N LEU A 265 -34.84 7.90 -14.13
CA LEU A 265 -34.49 6.57 -13.67
C LEU A 265 -35.32 5.50 -14.37
N ILE A 266 -36.64 5.69 -14.39
CA ILE A 266 -37.55 4.77 -15.08
C ILE A 266 -37.22 4.58 -16.56
N ASP A 267 -36.93 5.67 -17.25
CA ASP A 267 -36.57 5.62 -18.67
C ASP A 267 -35.27 4.88 -18.88
N THR A 268 -34.33 5.10 -17.98
CA THR A 268 -33.00 4.48 -18.11
C THR A 268 -33.09 2.97 -17.87
N ILE A 269 -33.77 2.56 -16.80
CA ILE A 269 -34.05 1.17 -16.55
C ILE A 269 -34.66 0.49 -17.79
N HIS A 270 -35.65 1.13 -18.38
CA HIS A 270 -36.29 0.55 -19.56
C HIS A 270 -35.33 0.43 -20.74
N SER A 271 -34.48 1.45 -20.89
CA SER A 271 -33.50 1.49 -21.98
CA SER A 271 -33.49 1.49 -21.98
C SER A 271 -32.51 0.33 -21.86
N GLY A 272 -32.05 0.05 -20.63
CA GLY A 272 -31.16 -1.08 -20.40
C GLY A 272 -31.80 -2.44 -20.60
N GLN A 273 -33.05 -2.56 -20.17
CA GLN A 273 -33.85 -3.77 -20.41
C GLN A 273 -34.01 -4.04 -21.91
N ALA A 274 -34.35 -2.98 -22.63
CA ALA A 274 -34.51 -3.03 -24.11
C ALA A 274 -33.20 -3.46 -24.79
N ALA A 275 -32.07 -2.98 -24.28
CA ALA A 275 -30.77 -3.32 -24.85
C ALA A 275 -30.49 -4.83 -24.78
N LEU A 276 -30.84 -5.43 -23.64
CA LEU A 276 -30.57 -6.83 -23.40
C LEU A 276 -31.53 -7.69 -24.16
N GLN A 277 -32.75 -7.18 -24.35
CA GLN A 277 -33.76 -7.89 -25.15
C GLN A 277 -33.32 -8.11 -26.61
N GLY A 278 -32.29 -7.38 -27.04
CA GLY A 278 -31.60 -7.69 -28.30
C GLY A 278 -30.90 -9.05 -28.37
N LEU A 279 -30.43 -9.57 -27.24
CA LEU A 279 -29.78 -10.89 -27.19
C LEU A 279 -30.80 -12.03 -27.04
N PRO A 280 -30.43 -13.27 -27.42
CA PRO A 280 -31.37 -14.36 -27.20
C PRO A 280 -31.69 -14.48 -25.72
N THR A 281 -32.96 -14.80 -25.42
CA THR A 281 -33.44 -14.94 -24.05
CA THR A 281 -33.41 -14.93 -24.04
C THR A 281 -32.80 -16.14 -23.36
N SER A 282 -32.52 -16.00 -22.06
CA SER A 282 -32.04 -17.11 -21.26
C SER A 282 -32.31 -16.75 -19.83
N THR A 283 -32.33 -17.76 -18.97
CA THR A 283 -32.53 -17.55 -17.55
C THR A 283 -31.40 -16.71 -16.91
N GLN A 284 -30.17 -16.92 -17.39
CA GLN A 284 -28.99 -16.15 -16.94
C GLN A 284 -29.05 -14.70 -17.39
N ARG A 285 -29.62 -14.43 -18.57
CA ARG A 285 -29.78 -13.05 -18.98
C ARG A 285 -30.93 -12.39 -18.22
N ASP A 286 -31.89 -13.21 -17.79
CA ASP A 286 -32.99 -12.71 -16.96
C ASP A 286 -32.41 -12.33 -15.58
N ASP A 287 -31.49 -13.13 -15.06
CA ASP A 287 -30.76 -12.79 -13.85
C ASP A 287 -30.01 -11.45 -14.00
N LEU A 288 -29.33 -11.27 -15.13
CA LEU A 288 -28.60 -10.02 -15.36
C LEU A 288 -29.56 -8.83 -15.46
N ALA A 289 -30.63 -9.00 -16.24
CA ALA A 289 -31.70 -7.98 -16.34
C ALA A 289 -32.24 -7.56 -14.98
N ALA A 290 -32.32 -8.54 -14.07
CA ALA A 290 -32.88 -8.34 -12.72
C ALA A 290 -32.05 -7.40 -11.83
N PHE A 291 -30.80 -7.13 -12.22
CA PHE A 291 -30.00 -6.13 -11.50
C PHE A 291 -30.65 -4.76 -11.42
N PHE A 292 -31.52 -4.44 -12.39
CA PHE A 292 -32.22 -3.16 -12.35
C PHE A 292 -33.21 -3.07 -11.18
N SER A 293 -33.63 -4.20 -10.64
CA SER A 293 -34.55 -4.20 -9.51
C SER A 293 -33.88 -3.79 -8.20
N TYR A 294 -32.56 -3.54 -8.24
CA TYR A 294 -31.87 -2.80 -7.17
C TYR A 294 -32.42 -1.40 -6.96
N PHE A 295 -33.02 -0.83 -8.01
CA PHE A 295 -33.47 0.56 -7.99
C PHE A 295 -34.97 0.67 -7.76
N ASP A 296 -35.33 1.13 -6.58
CA ASP A 296 -36.72 1.23 -6.19
C ASP A 296 -37.26 2.51 -6.81
N THR A 297 -38.11 2.36 -7.83
CA THR A 297 -38.68 3.50 -8.52
C THR A 297 -39.87 4.12 -7.78
N GLU A 298 -40.10 3.71 -6.55
CA GLU A 298 -41.18 4.32 -5.75
C GLU A 298 -40.65 5.05 -4.52
N ARG A 299 -39.34 4.95 -4.31
CA ARG A 299 -38.59 5.59 -3.21
C ARG A 299 -38.81 7.11 -3.07
N VAL A 300 -39.11 7.78 -4.17
CA VAL A 300 -39.42 9.22 -4.17
C VAL A 300 -40.73 9.55 -3.45
N ASN A 301 -41.64 8.57 -3.40
CA ASN A 301 -42.97 8.73 -2.81
C ASN A 301 -43.02 8.28 -1.35
N SER B 2 35.51 8.65 -16.21
CA SER B 2 35.82 9.75 -17.18
C SER B 2 35.46 9.37 -18.62
N LEU B 3 36.19 8.39 -19.18
CA LEU B 3 35.80 7.78 -20.45
C LEU B 3 34.45 7.08 -20.33
N ILE B 4 34.34 6.27 -19.27
CA ILE B 4 33.11 5.58 -18.93
C ILE B 4 31.98 6.59 -18.59
N ASN B 5 32.35 7.69 -17.92
CA ASN B 5 31.39 8.75 -17.61
C ASN B 5 30.89 9.45 -18.87
N ALA B 6 31.79 9.67 -19.82
CA ALA B 6 31.42 10.26 -21.12
C ALA B 6 30.46 9.35 -21.88
N ARG B 7 30.65 8.05 -21.73
CA ARG B 7 29.80 7.05 -22.35
C ARG B 7 28.35 7.16 -21.83
N LEU B 8 28.20 7.22 -20.51
CA LEU B 8 26.90 7.41 -19.88
C LEU B 8 26.27 8.74 -20.28
N ILE B 9 27.06 9.82 -20.28
CA ILE B 9 26.55 11.15 -20.59
C ILE B 9 26.07 11.17 -22.04
N ALA B 10 26.82 10.51 -22.93
CA ALA B 10 26.44 10.43 -24.35
C ALA B 10 25.14 9.65 -24.57
N PHE B 11 24.97 8.57 -23.80
CA PHE B 11 23.73 7.79 -23.82
C PHE B 11 22.53 8.65 -23.41
N GLU B 12 22.72 9.41 -22.33
CA GLU B 12 21.66 10.28 -21.79
C GLU B 12 21.33 11.44 -22.69
N ASP B 13 22.36 12.04 -23.28
CA ASP B 13 22.18 13.16 -24.21
C ASP B 13 21.40 12.76 -25.46
N GLN B 14 21.55 11.51 -25.87
CA GLN B 14 20.81 11.00 -27.01
C GLN B 14 19.39 10.63 -26.60
N TRP B 15 19.26 9.81 -25.56
CA TRP B 15 17.98 9.17 -25.26
C TRP B 15 17.00 10.00 -24.44
N VAL B 16 17.48 10.81 -23.49
CA VAL B 16 16.55 11.64 -22.67
C VAL B 16 15.65 12.58 -23.51
N PRO B 17 16.23 13.37 -24.45
CA PRO B 17 15.35 14.19 -25.29
C PRO B 17 14.38 13.39 -26.15
N ALA B 18 14.84 12.24 -26.66
CA ALA B 18 14.04 11.39 -27.53
C ALA B 18 12.86 10.80 -26.77
N LEU B 19 13.12 10.35 -25.55
CA LEU B 19 12.10 9.72 -24.71
C LEU B 19 11.12 10.75 -24.18
N ASN B 20 11.62 11.95 -23.87
CA ASN B 20 10.75 13.03 -23.39
C ASN B 20 9.82 13.62 -24.44
N ALA B 21 10.29 13.69 -25.68
CA ALA B 21 9.58 14.43 -26.74
C ALA B 21 8.07 14.15 -26.90
N PRO B 22 7.65 12.85 -26.93
CA PRO B 22 6.23 12.60 -27.12
C PRO B 22 5.35 12.70 -25.86
N LEU B 23 5.92 13.04 -24.70
CA LEU B 23 5.19 12.95 -23.42
C LEU B 23 3.96 13.87 -23.29
N LYS B 24 4.12 15.15 -23.58
CA LYS B 24 3.00 16.11 -23.44
C LYS B 24 1.79 15.73 -24.32
N GLN B 25 2.06 15.43 -25.58
CA GLN B 25 1.01 15.08 -26.51
C GLN B 25 0.33 13.78 -26.12
N ALA B 26 1.13 12.80 -25.68
CA ALA B 26 0.64 11.49 -25.29
C ALA B 26 -0.28 11.55 -24.08
N ILE B 27 0.16 12.27 -23.03
CA ILE B 27 -0.65 12.41 -21.82
C ILE B 27 -1.97 13.12 -22.12
N LEU B 28 -1.91 14.16 -22.96
CA LEU B 28 -3.11 14.90 -23.32
C LEU B 28 -4.11 14.05 -24.11
N ALA B 29 -3.59 13.25 -25.05
CA ALA B 29 -4.39 12.35 -25.88
C ALA B 29 -5.12 11.33 -25.00
N ASP B 30 -4.50 10.97 -23.90
CA ASP B 30 -5.05 9.94 -23.01
C ASP B 30 -5.86 10.49 -21.85
N SER B 31 -6.12 11.81 -21.86
CA SER B 31 -6.92 12.47 -20.81
C SER B 31 -8.21 13.08 -21.38
N GLN B 32 -9.19 13.23 -20.49
CA GLN B 32 -10.47 13.85 -20.83
C GLN B 32 -10.77 14.97 -19.85
N ASP B 33 -9.74 15.48 -19.18
CA ASP B 33 -9.84 16.70 -18.40
C ASP B 33 -8.57 17.49 -18.57
N ALA B 34 -8.69 18.73 -19.05
CA ALA B 34 -7.52 19.55 -19.39
C ALA B 34 -6.66 19.94 -18.19
N GLN B 35 -7.31 20.14 -17.04
CA GLN B 35 -6.60 20.55 -15.84
C GLN B 35 -5.84 19.38 -15.24
N LEU B 36 -6.48 18.22 -15.23
CA LEU B 36 -5.87 16.98 -14.81
C LEU B 36 -4.64 16.66 -15.66
N ALA B 37 -4.77 16.82 -16.99
CA ALA B 37 -3.69 16.57 -17.93
C ALA B 37 -2.57 17.52 -17.64
N ALA B 38 -2.90 18.79 -17.40
CA ALA B 38 -1.89 19.81 -17.06
C ALA B 38 -1.13 19.45 -15.78
N ALA B 39 -1.85 18.95 -14.76
CA ALA B 39 -1.24 18.61 -13.48
C ALA B 39 -0.34 17.38 -13.59
N MET B 40 -0.79 16.35 -14.30
CA MET B 40 0.05 15.18 -14.59
C MET B 40 1.32 15.58 -15.36
N THR B 41 1.14 16.37 -16.41
CA THR B 41 2.21 16.72 -17.32
C THR B 41 3.24 17.62 -16.63
N TYR B 42 2.78 18.47 -15.73
CA TYR B 42 3.64 19.41 -14.99
C TYR B 42 4.70 18.67 -14.20
N SER B 43 4.30 17.65 -13.43
CA SER B 43 5.25 16.88 -12.66
C SER B 43 6.15 15.98 -13.52
N VAL B 44 5.63 15.44 -14.62
CA VAL B 44 6.44 14.58 -15.50
C VAL B 44 7.52 15.43 -16.20
N LEU B 45 7.15 16.64 -16.63
CA LEU B 45 8.06 17.48 -17.42
C LEU B 45 8.93 18.46 -16.64
N ALA B 46 8.73 18.56 -15.32
CA ALA B 46 9.49 19.48 -14.45
C ALA B 46 10.97 19.15 -14.45
N GLY B 47 11.28 17.88 -14.65
CA GLY B 47 12.66 17.44 -14.79
C GLY B 47 12.64 15.96 -14.54
N GLY B 48 13.79 15.44 -14.16
CA GLY B 48 13.95 14.03 -13.89
C GLY B 48 15.07 13.48 -14.76
N LYS B 49 15.95 12.71 -14.14
CA LYS B 49 17.09 12.10 -14.84
C LYS B 49 16.70 10.95 -15.77
N ARG B 50 15.47 10.47 -15.62
CA ARG B 50 14.92 9.34 -16.39
C ARG B 50 15.77 8.09 -16.26
N LEU B 51 16.40 7.87 -15.11
CA LEU B 51 17.31 6.72 -14.96
C LEU B 51 16.59 5.41 -15.14
N ARG B 52 15.32 5.35 -14.76
CA ARG B 52 14.55 4.11 -14.82
C ARG B 52 14.24 3.67 -16.26
N PRO B 53 13.58 4.53 -17.06
CA PRO B 53 13.43 4.10 -18.46
C PRO B 53 14.76 3.99 -19.25
N LEU B 54 15.77 4.77 -18.88
CA LEU B 54 17.10 4.62 -19.49
C LEU B 54 17.69 3.23 -19.25
N LEU B 55 17.53 2.71 -18.02
CA LEU B 55 17.96 1.36 -17.72
C LEU B 55 17.21 0.36 -18.58
N THR B 56 15.90 0.53 -18.75
CA THR B 56 15.13 -0.36 -19.62
C THR B 56 15.68 -0.42 -21.06
N VAL B 57 15.87 0.76 -21.63
CA VAL B 57 16.39 0.87 -23.01
C VAL B 57 17.78 0.23 -23.11
N ALA B 58 18.67 0.59 -22.18
CA ALA B 58 20.02 0.03 -22.16
C ALA B 58 20.00 -1.48 -22.05
N THR B 59 19.12 -2.03 -21.20
CA THR B 59 19.03 -3.48 -21.06
C THR B 59 18.52 -4.15 -22.34
N MET B 60 17.43 -3.62 -22.88
CA MET B 60 16.87 -4.27 -24.07
C MET B 60 17.88 -4.26 -25.24
N GLN B 61 18.59 -3.13 -25.40
CA GLN B 61 19.53 -3.00 -26.51
C GLN B 61 20.79 -3.83 -26.30
N SER B 62 21.19 -4.03 -25.04
CA SER B 62 22.28 -4.96 -24.73
C SER B 62 21.95 -6.42 -25.07
N LEU B 63 20.66 -6.75 -25.15
CA LEU B 63 20.19 -8.08 -25.53
C LEU B 63 19.93 -8.24 -27.02
N GLY B 64 20.14 -7.15 -27.78
CA GLY B 64 20.00 -7.18 -29.23
C GLY B 64 18.64 -6.79 -29.78
N VAL B 65 17.83 -6.15 -28.96
CA VAL B 65 16.52 -5.72 -29.39
C VAL B 65 16.50 -4.19 -29.43
N THR B 66 16.37 -3.65 -30.65
CA THR B 66 16.39 -2.23 -30.81
C THR B 66 15.04 -1.62 -30.44
N PHE B 67 15.10 -0.43 -29.83
CA PHE B 67 13.91 0.33 -29.44
C PHE B 67 13.15 0.81 -30.67
N VAL B 68 11.87 0.47 -30.75
CA VAL B 68 10.97 0.88 -31.85
C VAL B 68 9.86 1.72 -31.21
N PRO B 69 9.77 3.02 -31.55
CA PRO B 69 8.83 3.91 -30.84
C PRO B 69 7.37 3.43 -30.86
N GLU B 70 6.89 2.93 -32.01
CA GLU B 70 5.51 2.42 -32.12
C GLU B 70 5.22 1.24 -31.20
N ARG B 71 6.24 0.46 -30.90
CA ARG B 71 6.09 -0.74 -30.07
C ARG B 71 6.44 -0.42 -28.63
N HIS B 72 7.49 0.37 -28.44
CA HIS B 72 8.19 0.40 -27.16
C HIS B 72 8.10 1.68 -26.34
N TRP B 73 7.77 2.80 -26.97
CA TRP B 73 7.82 4.08 -26.25
C TRP B 73 6.83 4.15 -25.05
N ARG B 74 5.57 3.79 -25.30
CA ARG B 74 4.57 3.83 -24.23
C ARG B 74 4.91 2.82 -23.12
N PRO B 75 5.19 1.54 -23.48
CA PRO B 75 5.55 0.59 -22.41
C PRO B 75 6.80 0.99 -21.58
N VAL B 76 7.84 1.51 -22.24
CA VAL B 76 9.05 1.96 -21.51
C VAL B 76 8.78 3.19 -20.60
N MET B 77 8.07 4.18 -21.14
CA MET B 77 7.82 5.39 -20.37
C MET B 77 6.71 5.23 -19.31
N ALA B 78 5.97 4.13 -19.37
CA ALA B 78 4.97 3.82 -18.32
C ALA B 78 5.67 3.84 -16.95
N LEU B 79 6.88 3.30 -16.91
CA LEU B 79 7.65 3.29 -15.66
C LEU B 79 7.94 4.69 -15.14
N GLU B 80 8.18 5.62 -16.07
CA GLU B 80 8.43 7.00 -15.66
C GLU B 80 7.14 7.69 -15.16
N LEU B 81 5.99 7.38 -15.76
CA LEU B 81 4.73 7.94 -15.26
C LEU B 81 4.53 7.47 -13.81
N LEU B 82 4.79 6.18 -13.56
CA LEU B 82 4.55 5.63 -12.21
C LEU B 82 5.56 6.21 -11.23
N HIS B 83 6.83 6.23 -11.61
CA HIS B 83 7.84 6.93 -10.82
C HIS B 83 7.43 8.38 -10.48
N THR B 84 6.97 9.15 -11.47
CA THR B 84 6.47 10.51 -11.23
C THR B 84 5.27 10.55 -10.24
N TYR B 85 4.30 9.65 -10.42
CA TYR B 85 3.19 9.54 -9.44
C TYR B 85 3.73 9.42 -8.02
N SER B 86 4.71 8.53 -7.81
CA SER B 86 5.21 8.28 -6.47
C SER B 86 5.79 9.54 -5.84
N LEU B 87 6.45 10.38 -6.66
CA LEU B 87 7.01 11.65 -6.16
C LEU B 87 5.95 12.63 -5.76
N ILE B 88 4.87 12.72 -6.56
CA ILE B 88 3.77 13.66 -6.28
C ILE B 88 3.15 13.32 -4.93
N HIS B 89 2.87 12.03 -4.70
CA HIS B 89 2.22 11.61 -3.46
C HIS B 89 3.14 11.74 -2.26
N ASP B 90 4.42 11.46 -2.48
CA ASP B 90 5.43 11.59 -1.43
C ASP B 90 5.50 13.04 -0.93
N ASP B 91 5.37 14.01 -1.83
CA ASP B 91 5.47 15.44 -1.46
C ASP B 91 4.23 16.04 -0.79
N LEU B 92 3.11 15.33 -0.85
CA LEU B 92 1.83 15.83 -0.34
C LEU B 92 1.86 16.27 1.14
N PRO B 93 0.99 17.24 1.51
CA PRO B 93 0.86 17.69 2.91
C PRO B 93 0.72 16.55 3.93
N ALA B 94 0.01 15.48 3.57
CA ALA B 94 -0.18 14.34 4.48
C ALA B 94 1.06 13.45 4.61
N MET B 95 1.99 13.59 3.67
CA MET B 95 3.23 12.83 3.67
C MET B 95 4.44 13.71 4.02
N ASP B 96 5.28 14.07 3.05
CA ASP B 96 6.46 14.87 3.38
C ASP B 96 6.24 16.36 3.45
N ASN B 97 5.16 16.84 2.82
CA ASN B 97 4.76 18.25 2.87
C ASN B 97 5.88 19.19 2.35
N ASP B 98 6.40 18.86 1.17
CA ASP B 98 7.52 19.58 0.55
C ASP B 98 7.06 20.65 -0.44
N ALA B 99 7.83 21.72 -0.54
CA ALA B 99 7.49 22.87 -1.36
C ALA B 99 8.10 22.84 -2.76
N LEU B 100 9.19 22.07 -2.93
CA LEU B 100 9.87 21.95 -4.23
C LEU B 100 10.21 20.51 -4.64
N ARG B 101 10.01 20.20 -5.93
CA ARG B 101 10.36 18.91 -6.53
C ARG B 101 10.83 19.13 -7.97
N ARG B 102 11.97 18.51 -8.33
CA ARG B 102 12.54 18.60 -9.68
C ARG B 102 12.82 20.06 -10.14
N GLY B 103 13.29 20.87 -9.20
CA GLY B 103 13.60 22.28 -9.48
C GLY B 103 12.43 23.23 -9.54
N GLU B 104 11.22 22.74 -9.26
CA GLU B 104 9.98 23.52 -9.44
C GLU B 104 9.09 23.43 -8.20
N PRO B 105 8.10 24.34 -8.04
CA PRO B 105 7.14 24.12 -6.95
C PRO B 105 6.42 22.77 -7.10
N THR B 106 6.15 22.13 -5.97
CA THR B 106 5.51 20.80 -6.00
C THR B 106 4.11 20.87 -6.59
N ASN B 107 3.60 19.70 -6.97
CA ASN B 107 2.32 19.63 -7.66
C ASN B 107 1.17 20.27 -6.84
N HIS B 108 1.13 19.97 -5.54
CA HIS B 108 0.06 20.46 -4.68
C HIS B 108 0.14 21.96 -4.36
N VAL B 109 1.32 22.54 -4.49
CA VAL B 109 1.46 23.99 -4.35
C VAL B 109 0.85 24.66 -5.58
N LYS B 110 1.13 24.09 -6.74
CA LYS B 110 0.62 24.70 -7.99
C LYS B 110 -0.88 24.44 -8.20
N PHE B 111 -1.33 23.22 -7.91
CA PHE B 111 -2.68 22.78 -8.30
C PHE B 111 -3.63 22.53 -7.13
N GLY B 112 -3.10 22.54 -5.91
CA GLY B 112 -3.88 22.16 -4.73
C GLY B 112 -3.71 20.68 -4.42
N ALA B 113 -3.92 20.31 -3.16
CA ALA B 113 -3.67 18.94 -2.69
C ALA B 113 -4.60 17.90 -3.31
N GLY B 114 -5.87 18.26 -3.46
CA GLY B 114 -6.86 17.39 -4.11
C GLY B 114 -6.48 17.01 -5.53
N MET B 115 -6.20 18.02 -6.35
CA MET B 115 -5.84 17.79 -7.76
C MET B 115 -4.50 17.09 -7.88
N ALA B 116 -3.54 17.43 -7.02
CA ALA B 116 -2.28 16.68 -6.99
C ALA B 116 -2.46 15.22 -6.66
N THR B 117 -3.32 14.91 -5.71
CA THR B 117 -3.62 13.52 -5.38
C THR B 117 -4.20 12.80 -6.60
N LEU B 118 -5.11 13.45 -7.31
CA LEU B 118 -5.69 12.88 -8.55
C LEU B 118 -4.66 12.76 -9.65
N ALA B 119 -3.75 13.72 -9.74
CA ALA B 119 -2.69 13.66 -10.74
C ALA B 119 -1.83 12.40 -10.49
N GLY B 120 -1.51 12.11 -9.24
CA GLY B 120 -0.77 10.88 -8.92
C GLY B 120 -1.57 9.64 -9.27
N ASP B 121 -2.83 9.61 -8.88
CA ASP B 121 -3.74 8.49 -9.18
C ASP B 121 -3.87 8.27 -10.68
N GLY B 122 -4.00 9.38 -11.41
CA GLY B 122 -4.10 9.36 -12.87
C GLY B 122 -2.86 8.82 -13.54
N LEU B 123 -1.67 9.26 -13.08
CA LEU B 123 -0.40 8.76 -13.61
C LEU B 123 -0.18 7.26 -13.34
N LEU B 124 -0.47 6.83 -12.11
CA LEU B 124 -0.35 5.41 -11.74
C LEU B 124 -1.22 4.53 -12.63
N THR B 125 -2.46 4.95 -12.85
CA THR B 125 -3.39 4.19 -13.69
C THR B 125 -2.96 4.21 -15.16
N LEU B 126 -2.54 5.38 -15.61
CA LEU B 126 -2.12 5.56 -17.02
C LEU B 126 -0.91 4.69 -17.37
N ALA B 127 -0.02 4.48 -16.40
CA ALA B 127 1.13 3.57 -16.56
C ALA B 127 0.71 2.20 -17.07
N PHE B 128 -0.36 1.65 -16.50
CA PHE B 128 -0.83 0.33 -16.89
C PHE B 128 -1.53 0.33 -18.25
N GLN B 129 -2.19 1.45 -18.58
CA GLN B 129 -2.72 1.62 -19.94
C GLN B 129 -1.55 1.64 -20.93
N TRP B 130 -0.48 2.36 -20.59
CA TRP B 130 0.63 2.50 -21.55
C TRP B 130 1.37 1.18 -21.77
N LEU B 131 1.48 0.36 -20.71
CA LEU B 131 2.08 -0.97 -20.85
C LEU B 131 1.33 -1.85 -21.86
N THR B 132 0.02 -1.62 -21.98
CA THR B 132 -0.81 -2.49 -22.79
C THR B 132 -1.37 -1.76 -24.00
N ALA B 133 -0.78 -0.60 -24.32
CA ALA B 133 -1.32 0.29 -25.36
C ALA B 133 -0.83 -0.01 -26.78
N THR B 134 0.27 -0.73 -26.89
CA THR B 134 0.85 -1.01 -28.18
C THR B 134 0.54 -2.45 -28.60
N ASP B 135 1.13 -2.91 -29.69
CA ASP B 135 0.74 -4.24 -30.17
C ASP B 135 1.87 -5.25 -30.00
N LEU B 136 2.62 -5.08 -28.91
CA LEU B 136 3.51 -6.10 -28.39
C LEU B 136 2.77 -7.40 -28.14
N PRO B 137 3.48 -8.55 -28.17
CA PRO B 137 2.83 -9.82 -27.89
C PRO B 137 2.20 -9.77 -26.50
N ALA B 138 1.03 -10.39 -26.34
CA ALA B 138 0.26 -10.26 -25.10
C ALA B 138 1.01 -10.85 -23.89
N THR B 139 1.79 -11.90 -24.13
CA THR B 139 2.62 -12.50 -23.10
C THR B 139 3.58 -11.49 -22.46
N MET B 140 4.18 -10.64 -23.29
CA MET B 140 5.11 -9.57 -22.89
C MET B 140 4.34 -8.50 -22.11
N GLN B 141 3.17 -8.11 -22.62
CA GLN B 141 2.35 -7.05 -21.99
C GLN B 141 1.96 -7.49 -20.59
N ALA B 142 1.47 -8.72 -20.48
CA ALA B 142 1.00 -9.27 -19.18
C ALA B 142 2.15 -9.40 -18.20
N ALA B 143 3.30 -9.85 -18.71
CA ALA B 143 4.51 -9.98 -17.88
C ALA B 143 4.95 -8.62 -17.33
N LEU B 144 4.92 -7.59 -18.17
CA LEU B 144 5.25 -6.25 -17.70
C LEU B 144 4.29 -5.76 -16.63
N VAL B 145 2.99 -5.99 -16.82
CA VAL B 145 1.97 -5.54 -15.86
C VAL B 145 2.17 -6.23 -14.52
N GLN B 146 2.38 -7.55 -14.56
CA GLN B 146 2.58 -8.32 -13.33
C GLN B 146 3.83 -7.86 -12.58
N ALA B 147 4.92 -7.67 -13.33
CA ALA B 147 6.19 -7.20 -12.77
C ALA B 147 6.10 -5.78 -12.18
N LEU B 148 5.44 -4.87 -12.91
CA LEU B 148 5.34 -3.47 -12.45
C LEU B 148 4.44 -3.35 -11.23
N ALA B 149 3.29 -4.02 -11.27
CA ALA B 149 2.37 -3.94 -10.15
C ALA B 149 2.98 -4.58 -8.89
N THR B 150 3.72 -5.68 -9.08
CA THR B 150 4.42 -6.30 -7.95
C THR B 150 5.50 -5.36 -7.38
N ALA B 151 6.28 -4.72 -8.25
CA ALA B 151 7.32 -3.76 -7.79
C ALA B 151 6.74 -2.51 -7.14
N ALA B 152 5.60 -2.03 -7.65
CA ALA B 152 5.06 -0.74 -7.22
C ALA B 152 4.08 -0.86 -6.06
N GLY B 153 3.59 -2.06 -5.78
CA GLY B 153 2.41 -2.19 -4.90
C GLY B 153 2.71 -2.48 -3.46
N PRO B 154 1.75 -3.13 -2.77
CA PRO B 154 1.87 -3.30 -1.31
C PRO B 154 2.87 -4.34 -0.82
N SER B 155 3.63 -4.96 -1.72
CA SER B 155 4.82 -5.71 -1.37
C SER B 155 6.10 -5.03 -1.85
N GLY B 156 5.93 -3.92 -2.55
CA GLY B 156 7.05 -3.19 -3.16
C GLY B 156 7.02 -1.74 -2.72
N MET B 157 6.98 -0.84 -3.69
CA MET B 157 7.14 0.58 -3.40
C MET B 157 6.24 1.02 -2.24
N VAL B 158 4.94 0.84 -2.42
CA VAL B 158 3.96 1.33 -1.44
C VAL B 158 4.21 0.79 -0.04
N ALA B 159 4.62 -0.46 0.07
CA ALA B 159 5.04 -1.04 1.35
C ALA B 159 6.27 -0.33 1.92
N GLY B 160 7.21 0.08 1.05
CA GLY B 160 8.40 0.84 1.46
C GLY B 160 7.99 2.20 2.00
N GLN B 161 7.05 2.84 1.33
CA GLN B 161 6.49 4.12 1.77
C GLN B 161 5.75 4.01 3.11
N ALA B 162 5.02 2.91 3.30
CA ALA B 162 4.30 2.63 4.57
C ALA B 162 5.28 2.42 5.71
N LYS B 163 6.40 1.73 5.46
CA LYS B 163 7.44 1.59 6.46
C LYS B 163 8.11 2.91 6.79
N ASP B 164 8.24 3.77 5.77
CA ASP B 164 8.82 5.10 5.99
C ASP B 164 7.93 5.95 6.91
N ILE B 165 6.62 5.94 6.68
CA ILE B 165 5.67 6.62 7.59
C ILE B 165 5.80 6.11 9.03
N GLN B 166 5.88 4.79 9.17
CA GLN B 166 5.87 4.13 10.47
C GLN B 166 7.19 4.26 11.23
N SER B 167 8.22 4.78 10.55
CA SER B 167 9.53 4.91 11.16
C SER B 167 9.98 6.37 11.31
N GLU B 168 9.05 7.30 11.10
CA GLU B 168 9.32 8.74 11.14
C GLU B 168 10.12 9.25 12.36
N HIS B 169 9.81 8.73 13.55
CA HIS B 169 10.53 9.19 14.75
C HIS B 169 11.08 8.00 15.51
N VAL B 170 11.50 6.99 14.76
CA VAL B 170 11.92 5.71 15.29
C VAL B 170 13.32 5.44 14.74
N ASN B 171 14.21 4.97 15.61
CA ASN B 171 15.56 4.57 15.18
C ASN B 171 15.50 3.11 14.72
N LEU B 172 15.43 2.91 13.41
CA LEU B 172 15.34 1.55 12.87
C LEU B 172 16.67 0.83 12.96
N PRO B 173 16.65 -0.48 13.30
CA PRO B 173 17.86 -1.25 13.09
C PRO B 173 18.17 -1.32 11.59
N LEU B 174 19.46 -1.35 11.26
CA LEU B 174 19.92 -1.44 9.87
C LEU B 174 19.22 -2.55 9.05
N SER B 175 18.99 -3.71 9.66
CA SER B 175 18.37 -4.83 8.98
C SER B 175 16.95 -4.49 8.49
N GLN B 176 16.21 -3.73 9.31
CA GLN B 176 14.89 -3.22 8.93
C GLN B 176 14.97 -2.13 7.89
N LEU B 177 15.99 -1.27 8.01
CA LEU B 177 16.22 -0.20 7.04
C LEU B 177 16.50 -0.78 5.65
N ARG B 178 17.23 -1.90 5.63
CA ARG B 178 17.56 -2.57 4.35
C ARG B 178 16.31 -3.06 3.62
N VAL B 179 15.38 -3.64 4.39
CA VAL B 179 14.11 -4.13 3.86
C VAL B 179 13.29 -2.93 3.33
N LEU B 180 13.23 -1.87 4.13
CA LEU B 180 12.52 -0.65 3.76
C LEU B 180 13.07 -0.11 2.44
N HIS B 181 14.38 0.01 2.34
CA HIS B 181 15.03 0.51 1.10
C HIS B 181 14.77 -0.35 -0.15
N LYS B 182 14.85 -1.67 0.01
CA LYS B 182 14.65 -2.58 -1.11
C LYS B 182 13.23 -2.44 -1.67
N GLU B 183 12.26 -2.23 -0.77
CA GLU B 183 10.88 -1.94 -1.18
C GLU B 183 10.72 -0.53 -1.78
N LYS B 184 11.18 0.48 -1.06
CA LYS B 184 10.84 1.87 -1.36
C LYS B 184 11.51 2.38 -2.63
N THR B 185 12.76 1.96 -2.84
CA THR B 185 13.53 2.45 -4.00
C THR B 185 14.12 1.34 -4.85
N GLY B 186 14.40 0.21 -4.24
CA GLY B 186 15.02 -0.91 -4.95
C GLY B 186 14.11 -1.54 -5.98
N ALA B 187 12.84 -1.69 -5.62
CA ALA B 187 11.87 -2.46 -6.39
C ALA B 187 11.67 -1.92 -7.81
N LEU B 188 11.49 -0.60 -7.95
CA LEU B 188 11.30 0.00 -9.28
C LEU B 188 12.56 -0.01 -10.10
N LEU B 189 13.70 0.03 -9.43
CA LEU B 189 14.97 -0.06 -10.17
C LEU B 189 15.28 -1.49 -10.62
N HIS B 190 14.87 -2.46 -9.80
CA HIS B 190 14.85 -3.86 -10.18
C HIS B 190 13.94 -4.02 -11.40
N TYR B 191 12.74 -3.43 -11.33
CA TYR B 191 11.81 -3.52 -12.45
C TYR B 191 12.40 -2.87 -13.70
N ALA B 192 13.12 -1.77 -13.53
CA ALA B 192 13.68 -1.06 -14.71
C ALA B 192 14.45 -2.05 -15.59
N VAL B 193 15.28 -2.86 -14.94
CA VAL B 193 16.06 -3.85 -15.66
C VAL B 193 15.20 -5.04 -16.06
N GLN B 194 14.32 -5.52 -15.17
CA GLN B 194 13.44 -6.64 -15.51
C GLN B 194 12.56 -6.38 -16.76
N ALA B 195 12.08 -5.13 -16.91
CA ALA B 195 11.32 -4.70 -18.07
C ALA B 195 12.15 -4.85 -19.36
N GLY B 196 13.45 -4.55 -19.27
CA GLY B 196 14.37 -4.77 -20.40
C GLY B 196 14.61 -6.23 -20.72
N LEU B 197 14.63 -7.08 -19.70
CA LEU B 197 14.73 -8.55 -19.89
C LEU B 197 13.50 -9.08 -20.60
N ILE B 198 12.33 -8.55 -20.22
CA ILE B 198 11.05 -8.91 -20.84
C ILE B 198 11.01 -8.46 -22.30
N LEU B 199 11.24 -7.18 -22.53
CA LEU B 199 11.22 -6.59 -23.88
C LEU B 199 12.33 -7.14 -24.77
N GLY B 200 13.46 -7.49 -24.16
CA GLY B 200 14.60 -8.03 -24.91
C GLY B 200 14.60 -9.53 -25.04
N GLN B 201 13.59 -10.19 -24.47
CA GLN B 201 13.52 -11.67 -24.46
C GLN B 201 14.86 -12.28 -24.04
N ALA B 202 15.33 -11.90 -22.85
CA ALA B 202 16.63 -12.31 -22.36
C ALA B 202 16.62 -13.82 -22.15
N PRO B 203 17.72 -14.49 -22.52
CA PRO B 203 17.83 -15.93 -22.22
C PRO B 203 17.80 -16.12 -20.70
N GLU B 204 17.10 -17.17 -20.26
CA GLU B 204 16.77 -17.36 -18.84
C GLU B 204 18.01 -17.48 -17.94
N ALA B 205 19.11 -18.02 -18.48
CA ALA B 205 20.31 -18.14 -17.67
C ALA B 205 21.00 -16.80 -17.39
N GLN B 206 20.64 -15.76 -18.14
CA GLN B 206 21.25 -14.44 -17.93
C GLN B 206 20.47 -13.55 -16.97
N TRP B 207 19.25 -13.99 -16.60
CA TRP B 207 18.41 -13.22 -15.68
C TRP B 207 19.11 -12.91 -14.34
N PRO B 208 19.75 -13.92 -13.69
CA PRO B 208 20.40 -13.64 -12.43
C PRO B 208 21.45 -12.55 -12.45
N ALA B 209 22.36 -12.56 -13.43
CA ALA B 209 23.39 -11.53 -13.53
C ALA B 209 22.80 -10.13 -13.75
N TYR B 210 21.79 -10.05 -14.62
CA TYR B 210 21.14 -8.76 -14.89
C TYR B 210 20.44 -8.23 -13.65
N LEU B 211 19.77 -9.13 -12.92
CA LEU B 211 19.03 -8.69 -11.74
C LEU B 211 19.88 -8.49 -10.49
N GLN B 212 21.02 -9.20 -10.39
CA GLN B 212 22.02 -8.92 -9.36
C GLN B 212 22.58 -7.52 -9.58
N PHE B 213 22.91 -7.19 -10.83
CA PHE B 213 23.28 -5.82 -11.21
C PHE B 213 22.18 -4.82 -10.83
N ALA B 214 20.93 -5.14 -11.17
CA ALA B 214 19.80 -4.25 -10.90
C ALA B 214 19.65 -3.93 -9.41
N ASP B 215 19.79 -4.98 -8.58
CA ASP B 215 19.71 -4.85 -7.12
C ASP B 215 20.87 -4.07 -6.51
N ALA B 216 22.07 -4.30 -7.02
CA ALA B 216 23.24 -3.53 -6.60
C ALA B 216 23.10 -2.07 -7.02
N PHE B 217 22.63 -1.80 -8.25
CA PHE B 217 22.41 -0.43 -8.67
C PHE B 217 21.37 0.29 -7.81
N GLY B 218 20.26 -0.38 -7.54
CA GLY B 218 19.22 0.19 -6.71
C GLY B 218 19.69 0.43 -5.28
N LEU B 219 20.43 -0.52 -4.73
CA LEU B 219 21.04 -0.35 -3.38
C LEU B 219 22.01 0.84 -3.37
N ALA B 220 22.93 0.87 -4.34
CA ALA B 220 23.88 1.99 -4.46
C ALA B 220 23.19 3.35 -4.62
N PHE B 221 22.14 3.39 -5.45
CA PHE B 221 21.30 4.58 -5.64
C PHE B 221 20.80 5.13 -4.32
N GLN B 222 20.35 4.24 -3.43
CA GLN B 222 19.82 4.69 -2.15
C GLN B 222 20.93 5.19 -1.21
N ILE B 223 22.03 4.47 -1.15
CA ILE B 223 23.16 4.86 -0.27
C ILE B 223 23.66 6.25 -0.72
N TYR B 224 23.83 6.44 -2.02
CA TYR B 224 24.23 7.73 -2.57
C TYR B 224 23.23 8.84 -2.24
N ASP B 225 21.93 8.55 -2.34
CA ASP B 225 20.88 9.50 -1.98
C ASP B 225 20.97 9.87 -0.49
N ASP B 226 21.18 8.87 0.36
CA ASP B 226 21.38 9.08 1.80
C ASP B 226 22.59 9.98 2.06
N ILE B 227 23.70 9.69 1.37
CA ILE B 227 24.96 10.42 1.55
C ILE B 227 24.74 11.89 1.18
N LEU B 228 24.12 12.13 0.02
CA LEU B 228 23.90 13.47 -0.51
C LEU B 228 22.93 14.29 0.32
N ASP B 229 21.90 13.63 0.86
CA ASP B 229 20.95 14.26 1.78
C ASP B 229 21.64 14.74 3.05
N VAL B 230 22.48 13.88 3.61
CA VAL B 230 23.18 14.14 4.87
C VAL B 230 24.21 15.28 4.74
N VAL B 231 24.85 15.36 3.58
CA VAL B 231 25.80 16.45 3.30
C VAL B 231 25.05 17.77 3.06
N SER B 232 24.13 17.78 2.10
CA SER B 232 23.36 18.98 1.76
C SER B 232 22.25 19.25 2.77
N ASP B 244 14.89 16.96 13.00
CA ASP B 244 16.24 17.13 12.45
C ASP B 244 17.06 15.86 12.64
N ALA B 245 17.24 15.45 13.90
CA ALA B 245 17.98 14.24 14.25
C ALA B 245 17.19 12.97 13.89
N ASP B 246 15.87 13.08 13.92
CA ASP B 246 14.96 11.99 13.52
C ASP B 246 15.05 11.68 12.02
N GLU B 247 15.27 12.73 11.23
CA GLU B 247 15.44 12.65 9.78
C GLU B 247 16.70 11.83 9.40
N ALA B 248 17.82 12.16 10.02
CA ALA B 248 19.12 11.64 9.62
C ALA B 248 19.47 10.25 10.15
N LYS B 249 18.78 9.81 11.20
CA LYS B 249 19.12 8.53 11.83
C LYS B 249 18.80 7.27 11.01
N ASN B 250 17.76 7.31 10.18
CA ASN B 250 17.43 6.16 9.34
C ASN B 250 18.01 6.30 7.93
N THR B 251 19.32 6.52 7.91
CA THR B 251 20.09 6.66 6.68
C THR B 251 21.37 5.86 6.85
N TYR B 252 22.05 5.60 5.72
CA TYR B 252 23.35 4.95 5.78
C TYR B 252 24.38 5.72 6.65
N PRO B 253 24.54 7.05 6.45
CA PRO B 253 25.44 7.75 7.39
C PRO B 253 24.99 7.71 8.85
N GLY B 254 23.68 7.77 9.07
CA GLY B 254 23.12 7.59 10.42
C GLY B 254 23.48 6.28 11.08
N LYS B 255 23.50 5.19 10.32
CA LYS B 255 23.79 3.87 10.88
C LYS B 255 25.28 3.56 10.92
N LEU B 256 26.01 4.00 9.90
CA LEU B 256 27.37 3.55 9.73
C LEU B 256 28.44 4.63 9.83
N GLY B 257 28.01 5.89 10.00
CA GLY B 257 28.89 7.06 9.82
C GLY B 257 29.09 7.32 8.33
N LEU B 258 29.48 8.54 7.97
CA LEU B 258 29.69 8.90 6.57
C LEU B 258 30.77 8.06 5.89
N ILE B 259 31.79 7.67 6.67
CA ILE B 259 32.89 6.86 6.14
C ILE B 259 32.40 5.46 5.77
N GLY B 260 31.73 4.82 6.73
CA GLY B 260 31.09 3.52 6.51
C GLY B 260 30.07 3.53 5.39
N ALA B 261 29.28 4.59 5.28
CA ALA B 261 28.29 4.74 4.19
C ALA B 261 28.99 4.80 2.83
N ASN B 262 30.06 5.58 2.75
CA ASN B 262 30.85 5.65 1.52
C ASN B 262 31.52 4.34 1.17
N GLN B 263 31.99 3.61 2.18
CA GLN B 263 32.57 2.28 1.99
C GLN B 263 31.50 1.29 1.49
N ALA B 264 30.29 1.38 2.05
CA ALA B 264 29.15 0.57 1.59
C ALA B 264 28.78 0.87 0.12
N LEU B 265 28.78 2.16 -0.24
CA LEU B 265 28.52 2.59 -1.62
C LEU B 265 29.56 1.98 -2.55
N ILE B 266 30.83 2.12 -2.21
CA ILE B 266 31.92 1.58 -3.04
C ILE B 266 31.85 0.05 -3.19
N ASP B 267 31.59 -0.65 -2.09
CA ASP B 267 31.46 -2.12 -2.12
C ASP B 267 30.27 -2.57 -2.97
N THR B 268 29.18 -1.82 -2.87
CA THR B 268 27.95 -2.15 -3.62
C THR B 268 28.20 -1.92 -5.12
N ILE B 269 28.87 -0.82 -5.46
CA ILE B 269 29.23 -0.57 -6.87
C ILE B 269 30.09 -1.74 -7.42
N HIS B 270 31.07 -2.18 -6.63
CA HIS B 270 31.94 -3.29 -7.01
C HIS B 270 31.16 -4.61 -7.15
N SER B 271 30.19 -4.84 -6.27
CA SER B 271 29.32 -6.01 -6.39
C SER B 271 28.50 -5.99 -7.68
N GLY B 272 28.00 -4.82 -8.05
CA GLY B 272 27.22 -4.69 -9.29
C GLY B 272 28.10 -4.87 -10.50
N GLN B 273 29.33 -4.38 -10.41
CA GLN B 273 30.28 -4.55 -11.52
C GLN B 273 30.63 -6.03 -11.67
N ALA B 274 30.81 -6.72 -10.55
CA ALA B 274 31.07 -8.17 -10.53
C ALA B 274 29.93 -8.99 -11.12
N ALA B 275 28.69 -8.62 -10.78
CA ALA B 275 27.51 -9.29 -11.32
C ALA B 275 27.52 -9.21 -12.85
N LEU B 276 27.85 -8.03 -13.38
CA LEU B 276 27.85 -7.82 -14.83
C LEU B 276 28.90 -8.66 -15.55
N GLN B 277 29.96 -9.02 -14.82
CA GLN B 277 31.05 -9.86 -15.38
C GLN B 277 30.61 -11.26 -15.76
N GLY B 278 29.53 -11.72 -15.15
CA GLY B 278 28.97 -13.03 -15.46
C GLY B 278 28.11 -13.08 -16.70
N LEU B 279 27.99 -11.95 -17.41
CA LEU B 279 27.25 -11.92 -18.68
C LEU B 279 28.18 -12.43 -19.77
N PRO B 280 27.63 -13.10 -20.80
CA PRO B 280 28.49 -13.81 -21.75
C PRO B 280 29.34 -12.95 -22.71
N THR B 281 28.97 -11.69 -22.94
CA THR B 281 29.71 -10.87 -23.91
C THR B 281 30.23 -9.57 -23.31
N SER B 282 31.34 -9.08 -23.86
CA SER B 282 31.94 -7.81 -23.45
C SER B 282 30.99 -6.64 -23.69
N THR B 283 30.25 -6.71 -24.78
CA THR B 283 29.29 -5.67 -25.14
C THR B 283 28.17 -5.50 -24.10
N GLN B 284 27.70 -6.63 -23.55
CA GLN B 284 26.71 -6.62 -22.46
C GLN B 284 27.29 -6.08 -21.14
N ARG B 285 28.47 -6.60 -20.78
CA ARG B 285 29.25 -6.15 -19.62
C ARG B 285 29.41 -4.63 -19.57
N ASP B 286 29.90 -4.06 -20.67
CA ASP B 286 30.25 -2.64 -20.77
C ASP B 286 29.05 -1.68 -20.85
N ASP B 287 27.96 -2.15 -21.46
CA ASP B 287 26.73 -1.33 -21.64
C ASP B 287 26.09 -0.89 -20.32
N LEU B 288 25.92 -1.84 -19.41
CA LEU B 288 25.24 -1.53 -18.18
C LEU B 288 26.22 -0.95 -17.16
N ALA B 289 27.50 -1.29 -17.29
CA ALA B 289 28.49 -0.84 -16.31
C ALA B 289 28.66 0.66 -16.28
N ALA B 290 28.34 1.32 -17.41
CA ALA B 290 28.43 2.77 -17.51
C ALA B 290 27.48 3.49 -16.56
N PHE B 291 26.41 2.81 -16.15
CA PHE B 291 25.45 3.38 -15.20
C PHE B 291 26.05 3.68 -13.83
N PHE B 292 27.07 2.93 -13.43
CA PHE B 292 27.75 3.25 -12.17
C PHE B 292 28.55 4.54 -12.20
N SER B 293 28.76 5.11 -13.39
CA SER B 293 29.38 6.45 -13.45
C SER B 293 28.51 7.54 -12.87
N TYR B 294 27.21 7.29 -12.78
CA TYR B 294 26.29 8.21 -12.10
C TYR B 294 26.79 8.60 -10.70
N PHE B 295 27.42 7.65 -10.00
CA PHE B 295 27.93 7.89 -8.64
C PHE B 295 29.28 8.61 -8.59
N ASP B 296 29.89 8.80 -9.76
CA ASP B 296 31.24 9.35 -9.86
C ASP B 296 31.21 10.86 -10.02
N THR B 297 30.01 11.40 -10.18
CA THR B 297 29.81 12.84 -10.26
C THR B 297 28.72 13.28 -9.27
N GLU B 298 28.51 14.59 -9.17
CA GLU B 298 27.53 15.18 -8.26
C GLU B 298 26.23 15.54 -8.97
N ARG B 299 25.18 15.78 -8.19
CA ARG B 299 23.86 16.17 -8.71
C ARG B 299 23.76 17.69 -8.87
N SER C 2 29.65 3.36 17.39
CA SER C 2 29.65 4.82 17.68
C SER C 2 30.30 5.14 19.05
N LEU C 3 31.05 4.18 19.59
CA LEU C 3 31.80 4.35 20.84
C LEU C 3 32.95 5.35 20.68
N ILE C 4 33.67 5.22 19.57
CA ILE C 4 34.79 6.10 19.22
C ILE C 4 34.28 7.48 18.74
N ASN C 5 33.07 7.49 18.20
CA ASN C 5 32.39 8.73 17.79
C ASN C 5 31.93 9.53 19.00
N ALA C 6 31.36 8.82 19.97
CA ALA C 6 30.97 9.40 21.25
C ALA C 6 32.18 9.90 22.04
N ARG C 7 33.33 9.23 21.86
CA ARG C 7 34.60 9.66 22.46
C ARG C 7 35.01 11.06 22.00
N LEU C 8 34.93 11.32 20.69
CA LEU C 8 35.37 12.61 20.17
C LEU C 8 34.40 13.71 20.58
N ILE C 9 33.09 13.44 20.52
CA ILE C 9 32.08 14.44 20.85
CA ILE C 9 32.06 14.42 20.86
C ILE C 9 32.17 14.80 22.33
N ALA C 10 32.46 13.81 23.18
CA ALA C 10 32.71 14.06 24.61
C ALA C 10 33.94 14.96 24.84
N PHE C 11 35.04 14.66 24.14
CA PHE C 11 36.23 15.50 24.16
C PHE C 11 35.97 16.94 23.73
N GLU C 12 35.26 17.12 22.61
CA GLU C 12 34.94 18.44 22.07
C GLU C 12 33.99 19.19 23.00
N ASP C 13 33.08 18.44 23.62
CA ASP C 13 32.14 19.06 24.55
C ASP C 13 32.78 19.59 25.83
N GLN C 14 33.85 18.95 26.27
CA GLN C 14 34.60 19.44 27.40
C GLN C 14 35.51 20.60 26.97
N TRP C 15 36.28 20.36 25.92
CA TRP C 15 37.43 21.23 25.61
C TRP C 15 37.13 22.48 24.80
N VAL C 16 36.19 22.42 23.87
CA VAL C 16 35.87 23.62 23.07
C VAL C 16 35.38 24.78 23.97
N PRO C 17 34.37 24.55 24.85
CA PRO C 17 34.00 25.63 25.76
C PRO C 17 35.15 26.13 26.66
N ALA C 18 35.99 25.21 27.12
CA ALA C 18 37.11 25.55 28.00
C ALA C 18 38.16 26.37 27.23
N LEU C 19 38.40 25.99 25.97
CA LEU C 19 39.37 26.75 25.15
C LEU C 19 38.88 28.13 24.74
N ASN C 20 37.58 28.26 24.48
CA ASN C 20 37.01 29.52 24.06
C ASN C 20 36.85 30.52 25.20
N ALA C 21 36.64 30.01 26.41
CA ALA C 21 36.25 30.87 27.54
C ALA C 21 37.14 32.10 27.81
N PRO C 22 38.49 31.96 27.77
CA PRO C 22 39.28 33.15 28.05
C PRO C 22 39.57 34.05 26.83
N LEU C 23 39.03 33.73 25.66
CA LEU C 23 39.45 34.46 24.42
C LEU C 23 39.16 35.97 24.41
N LYS C 24 37.93 36.35 24.71
CA LYS C 24 37.52 37.75 24.63
C LYS C 24 38.34 38.64 25.57
N GLN C 25 38.47 38.21 26.84
CA GLN C 25 39.27 38.91 27.83
C GLN C 25 40.73 39.06 27.43
N ALA C 26 41.31 37.98 26.89
CA ALA C 26 42.74 37.91 26.62
C ALA C 26 43.07 38.80 25.41
N ILE C 27 42.23 38.75 24.39
CA ILE C 27 42.44 39.57 23.18
C ILE C 27 42.33 41.07 23.52
N LEU C 28 41.33 41.42 24.32
CA LEU C 28 41.18 42.81 24.76
C LEU C 28 42.37 43.30 25.58
N ALA C 29 42.84 42.44 26.49
CA ALA C 29 43.96 42.77 27.37
C ALA C 29 45.22 43.08 26.58
N ASP C 30 45.39 42.39 25.46
CA ASP C 30 46.61 42.54 24.67
C ASP C 30 46.45 43.49 23.49
N SER C 31 45.41 44.32 23.52
CA SER C 31 45.15 45.30 22.47
C SER C 31 45.15 46.73 23.03
N GLN C 32 45.46 47.70 22.19
CA GLN C 32 45.38 49.11 22.59
C GLN C 32 44.55 49.93 21.61
N ASP C 33 43.67 49.25 20.87
CA ASP C 33 42.66 49.93 20.10
C ASP C 33 41.37 49.12 20.19
N ALA C 34 40.30 49.81 20.60
CA ALA C 34 39.00 49.19 20.85
C ALA C 34 38.42 48.56 19.58
N GLN C 35 38.48 49.28 18.46
CA GLN C 35 37.86 48.76 17.24
C GLN C 35 38.64 47.57 16.70
N LEU C 36 39.96 47.66 16.79
CA LEU C 36 40.84 46.56 16.34
C LEU C 36 40.58 45.33 17.19
N ALA C 37 40.45 45.51 18.51
CA ALA C 37 40.16 44.41 19.42
C ALA C 37 38.85 43.76 19.04
N ALA C 38 37.81 44.58 18.81
CA ALA C 38 36.50 44.08 18.35
C ALA C 38 36.59 43.29 17.04
N ALA C 39 37.35 43.79 16.06
CA ALA C 39 37.47 43.13 14.76
C ALA C 39 38.15 41.77 14.80
N MET C 40 39.24 41.69 15.58
CA MET C 40 39.96 40.44 15.81
C MET C 40 39.05 39.46 16.56
N THR C 41 38.38 39.95 17.59
CA THR C 41 37.58 39.11 18.45
C THR C 41 36.36 38.59 17.67
N TYR C 42 35.85 39.42 16.77
CA TYR C 42 34.69 39.06 15.93
C TYR C 42 34.91 37.78 15.15
N SER C 43 36.05 37.72 14.46
CA SER C 43 36.34 36.55 13.65
C SER C 43 36.71 35.30 14.44
N VAL C 44 37.41 35.48 15.57
CA VAL C 44 37.77 34.34 16.43
C VAL C 44 36.50 33.72 17.01
N LEU C 45 35.58 34.57 17.47
CA LEU C 45 34.41 34.07 18.19
C LEU C 45 33.19 33.78 17.32
N ALA C 46 33.30 34.08 16.02
CA ALA C 46 32.22 33.85 15.05
C ALA C 46 31.79 32.38 15.04
N GLY C 47 32.79 31.52 15.15
CA GLY C 47 32.56 30.10 15.26
C GLY C 47 33.91 29.41 15.12
N GLY C 48 33.87 28.15 14.70
CA GLY C 48 35.09 27.37 14.50
C GLY C 48 35.10 26.12 15.33
N LYS C 49 35.46 25.00 14.70
CA LYS C 49 35.45 23.69 15.37
C LYS C 49 36.63 23.54 16.34
N ARG C 50 37.65 24.40 16.22
CA ARG C 50 38.84 24.42 17.09
C ARG C 50 39.65 23.15 16.95
N LEU C 51 39.59 22.55 15.76
CA LEU C 51 40.25 21.28 15.49
C LEU C 51 41.73 21.33 15.78
N ARG C 52 42.37 22.45 15.43
CA ARG C 52 43.81 22.58 15.59
C ARG C 52 44.25 22.63 17.05
N PRO C 53 43.71 23.57 17.86
CA PRO C 53 44.15 23.47 19.28
C PRO C 53 43.62 22.22 19.99
N LEU C 54 42.48 21.67 19.54
CA LEU C 54 42.01 20.38 20.10
C LEU C 54 43.04 19.26 19.91
N LEU C 55 43.66 19.20 18.72
CA LEU C 55 44.70 18.22 18.47
CA LEU C 55 44.73 18.25 18.42
C LEU C 55 45.89 18.43 19.39
N THR C 56 46.26 19.69 19.64
CA THR C 56 47.40 19.96 20.52
C THR C 56 47.12 19.41 21.94
N VAL C 57 45.95 19.72 22.45
CA VAL C 57 45.57 19.27 23.81
C VAL C 57 45.51 17.73 23.85
N ALA C 58 44.90 17.13 22.83
CA ALA C 58 44.77 15.65 22.79
C ALA C 58 46.15 14.96 22.71
N THR C 59 47.07 15.59 22.00
CA THR C 59 48.44 15.09 21.92
C THR C 59 49.12 15.18 23.28
N MET C 60 49.00 16.34 23.95
CA MET C 60 49.54 16.55 25.30
C MET C 60 49.01 15.46 26.25
N GLN C 61 47.69 15.23 26.19
CA GLN C 61 47.01 14.28 27.07
C GLN C 61 47.49 12.85 26.85
N SER C 62 47.68 12.49 25.58
CA SER C 62 48.20 11.17 25.24
C SER C 62 49.62 10.95 25.74
N LEU C 63 50.38 12.04 25.97
CA LEU C 63 51.74 11.92 26.48
C LEU C 63 51.77 11.95 28.02
N GLY C 64 50.59 11.98 28.64
CA GLY C 64 50.44 12.06 30.11
C GLY C 64 50.74 13.41 30.75
N VAL C 65 50.65 14.48 29.96
CA VAL C 65 50.96 15.82 30.45
C VAL C 65 49.66 16.60 30.69
N THR C 66 49.44 17.02 31.92
CA THR C 66 48.25 17.79 32.28
C THR C 66 48.32 19.21 31.69
N PHE C 67 47.25 19.59 31.01
CA PHE C 67 47.04 20.97 30.56
C PHE C 67 46.86 21.88 31.78
N VAL C 68 47.77 22.84 31.94
CA VAL C 68 47.67 23.86 33.00
C VAL C 68 47.33 25.21 32.39
N PRO C 69 46.11 25.73 32.63
CA PRO C 69 45.59 26.91 31.93
C PRO C 69 46.57 28.09 31.93
N GLU C 70 47.17 28.38 33.10
CA GLU C 70 48.07 29.52 33.22
C GLU C 70 49.38 29.37 32.45
N ARG C 71 49.77 28.13 32.15
CA ARG C 71 50.99 27.89 31.41
C ARG C 71 50.70 27.61 29.95
N HIS C 72 49.60 26.89 29.70
CA HIS C 72 49.37 26.28 28.37
C HIS C 72 48.29 26.92 27.49
N TRP C 73 47.31 27.59 28.10
CA TRP C 73 46.19 28.13 27.32
C TRP C 73 46.64 29.10 26.20
N ARG C 74 47.42 30.10 26.54
CA ARG C 74 47.90 31.08 25.54
C ARG C 74 48.73 30.42 24.44
N PRO C 75 49.71 29.57 24.80
CA PRO C 75 50.47 28.91 23.71
C PRO C 75 49.61 28.01 22.84
N VAL C 76 48.68 27.27 23.45
CA VAL C 76 47.80 26.39 22.66
C VAL C 76 46.89 27.19 21.73
N MET C 77 46.29 28.27 22.25
CA MET C 77 45.36 29.06 21.45
C MET C 77 46.03 30.01 20.47
N ALA C 78 47.34 30.22 20.60
CA ALA C 78 48.08 30.99 19.56
C ALA C 78 47.80 30.43 18.18
N LEU C 79 47.75 29.10 18.08
CA LEU C 79 47.44 28.42 16.82
C LEU C 79 46.09 28.78 16.27
N GLU C 80 45.10 28.97 17.15
CA GLU C 80 43.77 29.34 16.68
C GLU C 80 43.71 30.81 16.22
N LEU C 81 44.46 31.69 16.90
CA LEU C 81 44.50 33.07 16.48
C LEU C 81 45.08 33.12 15.07
N LEU C 82 46.14 32.35 14.81
CA LEU C 82 46.80 32.36 13.49
C LEU C 82 45.86 31.74 12.45
N HIS C 83 45.26 30.61 12.79
CA HIS C 83 44.28 30.00 11.89
C HIS C 83 43.16 30.98 11.50
N THR C 84 42.63 31.67 12.50
CA THR C 84 41.66 32.73 12.27
C THR C 84 42.14 33.84 11.33
N TYR C 85 43.37 34.34 11.56
CA TYR C 85 43.92 35.38 10.67
C TYR C 85 43.89 34.92 9.21
N SER C 86 44.22 33.64 8.97
CA SER C 86 44.35 33.15 7.60
C SER C 86 42.99 33.16 6.91
N LEU C 87 41.93 32.86 7.67
CA LEU C 87 40.55 32.94 7.18
C LEU C 87 40.15 34.36 6.81
N ILE C 88 40.53 35.34 7.64
CA ILE C 88 40.15 36.73 7.44
C ILE C 88 40.76 37.20 6.12
N HIS C 89 42.05 36.89 5.94
CA HIS C 89 42.76 37.34 4.71
C HIS C 89 42.27 36.57 3.49
N ASP C 90 41.99 35.28 3.67
CA ASP C 90 41.41 34.48 2.59
C ASP C 90 40.13 35.10 2.01
N ASP C 91 39.29 35.64 2.91
CA ASP C 91 37.98 36.16 2.54
C ASP C 91 37.98 37.51 1.87
N LEU C 92 39.10 38.25 2.00
CA LEU C 92 39.24 39.62 1.51
C LEU C 92 38.90 39.77 0.02
N PRO C 93 38.39 40.97 -0.38
CA PRO C 93 38.12 41.28 -1.80
C PRO C 93 39.29 40.97 -2.75
N ALA C 94 40.53 41.19 -2.29
CA ALA C 94 41.73 40.87 -3.06
C ALA C 94 41.99 39.36 -3.24
N MET C 95 41.34 38.52 -2.43
CA MET C 95 41.47 37.07 -2.62
C MET C 95 40.13 36.43 -3.01
N ASP C 96 39.42 35.85 -2.05
CA ASP C 96 38.22 35.11 -2.41
C ASP C 96 36.95 35.95 -2.50
N ASN C 97 36.97 37.13 -1.88
CA ASN C 97 35.87 38.09 -1.93
C ASN C 97 34.57 37.45 -1.44
N ASP C 98 34.64 36.82 -0.28
CA ASP C 98 33.50 36.08 0.26
C ASP C 98 32.69 36.88 1.25
N ALA C 99 31.40 36.56 1.31
CA ALA C 99 30.41 37.31 2.06
C ALA C 99 30.16 36.75 3.46
N LEU C 100 30.36 35.43 3.64
CA LEU C 100 30.12 34.76 4.93
C LEU C 100 31.28 33.85 5.37
N ARG C 101 31.49 33.74 6.68
CA ARG C 101 32.55 32.91 7.28
C ARG C 101 32.13 32.52 8.70
N ARG C 102 32.20 31.22 9.00
CA ARG C 102 31.76 30.66 10.29
C ARG C 102 30.32 31.12 10.64
N GLY C 103 29.47 31.15 9.61
CA GLY C 103 28.05 31.46 9.78
C GLY C 103 27.70 32.92 9.95
N GLU C 104 28.69 33.81 9.89
CA GLU C 104 28.47 35.25 10.09
C GLU C 104 28.98 36.03 8.88
N PRO C 105 28.53 37.30 8.69
CA PRO C 105 29.20 38.13 7.67
C PRO C 105 30.73 38.12 7.86
N THR C 106 31.47 38.19 6.75
CA THR C 106 32.94 38.18 6.86
C THR C 106 33.45 39.46 7.51
N ASN C 107 34.70 39.41 7.99
CA ASN C 107 35.29 40.52 8.70
C ASN C 107 35.27 41.83 7.90
N HIS C 108 35.61 41.77 6.62
CA HIS C 108 35.66 42.99 5.81
C HIS C 108 34.27 43.59 5.52
N VAL C 109 33.25 42.75 5.46
CA VAL C 109 31.88 43.24 5.31
C VAL C 109 31.48 44.09 6.54
N LYS C 110 31.76 43.58 7.73
CA LYS C 110 31.39 44.27 8.96
C LYS C 110 32.27 45.50 9.25
N PHE C 111 33.58 45.35 9.04
CA PHE C 111 34.57 46.34 9.50
C PHE C 111 35.24 47.15 8.41
N GLY C 112 35.03 46.76 7.15
CA GLY C 112 35.76 47.37 6.05
C GLY C 112 36.99 46.54 5.77
N ALA C 113 37.52 46.64 4.56
CA ALA C 113 38.64 45.78 4.15
C ALA C 113 39.97 46.18 4.78
N GLY C 114 40.13 47.48 5.04
CA GLY C 114 41.30 48.03 5.73
C GLY C 114 41.46 47.44 7.11
N MET C 115 40.41 47.59 7.92
CA MET C 115 40.42 47.09 9.31
C MET C 115 40.50 45.58 9.35
N ALA C 116 39.83 44.91 8.40
CA ALA C 116 39.95 43.46 8.27
C ALA C 116 41.38 42.98 8.02
N THR C 117 42.08 43.67 7.14
CA THR C 117 43.47 43.34 6.86
C THR C 117 44.31 43.50 8.14
N LEU C 118 44.12 44.61 8.83
CA LEU C 118 44.81 44.84 10.12
C LEU C 118 44.44 43.83 11.19
N ALA C 119 43.17 43.43 11.20
CA ALA C 119 42.70 42.43 12.18
C ALA C 119 43.45 41.11 11.97
N GLY C 120 43.64 40.73 10.71
CA GLY C 120 44.43 39.57 10.36
C GLY C 120 45.89 39.74 10.79
N ASP C 121 46.47 40.88 10.44
CA ASP C 121 47.85 41.23 10.79
C ASP C 121 48.06 41.17 12.31
N GLY C 122 47.11 41.74 13.04
CA GLY C 122 47.12 41.74 14.50
C GLY C 122 47.09 40.36 15.12
N LEU C 123 46.22 39.49 14.59
CA LEU C 123 46.07 38.14 15.11
C LEU C 123 47.31 37.27 14.84
N LEU C 124 47.86 37.38 13.63
CA LEU C 124 49.10 36.68 13.30
C LEU C 124 50.23 37.07 14.27
N THR C 125 50.37 38.37 14.52
CA THR C 125 51.40 38.87 15.43
C THR C 125 51.13 38.42 16.88
N LEU C 126 49.88 38.57 17.29
CA LEU C 126 49.48 38.18 18.64
C LEU C 126 49.76 36.70 18.98
N ALA C 127 49.59 35.82 17.99
CA ALA C 127 49.96 34.40 18.13
C ALA C 127 51.37 34.23 18.71
N PHE C 128 52.34 34.97 18.16
CA PHE C 128 53.72 34.87 18.62
C PHE C 128 53.94 35.46 20.01
N GLN C 129 53.22 36.53 20.33
CA GLN C 129 53.22 37.01 21.70
C GLN C 129 52.64 35.93 22.63
N TRP C 130 51.56 35.29 22.24
CA TRP C 130 50.94 34.26 23.10
C TRP C 130 51.83 33.02 23.31
N LEU C 131 52.59 32.63 22.27
CA LEU C 131 53.53 31.52 22.44
C LEU C 131 54.58 31.75 23.54
N THR C 132 54.92 33.00 23.75
CA THR C 132 56.04 33.38 24.61
C THR C 132 55.60 34.17 25.86
N ALA C 133 54.31 34.11 26.18
CA ALA C 133 53.77 34.98 27.22
C ALA C 133 53.72 34.32 28.59
N THR C 134 53.86 33.01 28.62
CA THR C 134 53.62 32.27 29.86
C THR C 134 54.90 31.73 30.48
N ASP C 135 54.73 31.05 31.63
CA ASP C 135 55.85 30.46 32.38
C ASP C 135 56.16 29.05 31.84
N LEU C 136 56.66 29.00 30.61
CA LEU C 136 57.14 27.76 30.01
C LEU C 136 58.62 27.92 29.83
N PRO C 137 59.37 26.80 29.83
CA PRO C 137 60.80 26.83 29.55
C PRO C 137 61.05 27.57 28.23
N ALA C 138 62.06 28.44 28.20
CA ALA C 138 62.36 29.19 26.96
C ALA C 138 62.72 28.28 25.77
N THR C 139 63.33 27.12 26.06
CA THR C 139 63.57 26.11 25.03
C THR C 139 62.27 25.68 24.32
N MET C 140 61.23 25.44 25.11
CA MET C 140 59.89 25.10 24.60
C MET C 140 59.31 26.27 23.79
N GLN C 141 59.41 27.48 24.34
CA GLN C 141 58.80 28.67 23.73
C GLN C 141 59.40 28.91 22.37
N ALA C 142 60.74 28.86 22.29
CA ALA C 142 61.46 29.12 21.02
C ALA C 142 61.17 28.01 20.00
N ALA C 143 61.05 26.78 20.48
CA ALA C 143 60.69 25.66 19.63
C ALA C 143 59.30 25.83 19.00
N LEU C 144 58.33 26.28 19.80
CA LEU C 144 56.99 26.55 19.27
C LEU C 144 57.00 27.64 18.23
N VAL C 145 57.72 28.71 18.53
CA VAL C 145 57.81 29.84 17.59
C VAL C 145 58.40 29.40 16.25
N GLN C 146 59.53 28.71 16.31
CA GLN C 146 60.18 28.20 15.10
C GLN C 146 59.26 27.28 14.30
N ALA C 147 58.61 26.35 14.99
CA ALA C 147 57.71 25.39 14.32
C ALA C 147 56.47 26.09 13.71
N LEU C 148 55.87 27.00 14.46
CA LEU C 148 54.67 27.71 14.00
C LEU C 148 54.97 28.62 12.80
N ALA C 149 56.05 29.38 12.87
CA ALA C 149 56.38 30.29 11.76
C ALA C 149 56.76 29.51 10.49
N THR C 150 57.47 28.39 10.67
CA THR C 150 57.79 27.50 9.53
C THR C 150 56.50 26.93 8.91
N ALA C 151 55.56 26.50 9.76
CA ALA C 151 54.26 25.96 9.28
C ALA C 151 53.40 27.03 8.57
N ALA C 152 53.45 28.26 9.07
CA ALA C 152 52.52 29.29 8.66
C ALA C 152 53.02 30.17 7.52
N GLY C 153 54.34 30.20 7.34
CA GLY C 153 54.99 31.22 6.50
C GLY C 153 55.13 30.85 5.03
N PRO C 154 56.16 31.41 4.39
CA PRO C 154 56.35 31.30 2.93
C PRO C 154 56.87 29.94 2.41
N SER C 155 57.08 28.99 3.31
CA SER C 155 57.31 27.60 2.93
C SER C 155 56.12 26.74 3.33
N GLY C 156 55.16 27.35 4.01
CA GLY C 156 54.01 26.60 4.53
C GLY C 156 52.72 27.24 4.04
N MET C 157 51.86 27.61 4.99
CA MET C 157 50.52 28.09 4.67
C MET C 157 50.56 29.13 3.56
N VAL C 158 51.34 30.15 3.77
CA VAL C 158 51.35 31.25 2.84
C VAL C 158 51.79 30.88 1.44
N ALA C 159 52.75 30.00 1.35
CA ALA C 159 53.10 29.41 0.09
C ALA C 159 51.94 28.72 -0.56
N GLY C 160 51.21 27.97 0.24
CA GLY C 160 50.03 27.25 -0.26
C GLY C 160 49.00 28.21 -0.82
N GLN C 161 48.78 29.31 -0.13
CA GLN C 161 47.87 30.35 -0.57
C GLN C 161 48.34 31.02 -1.86
N ALA C 162 49.65 31.25 -1.97
CA ALA C 162 50.22 31.82 -3.21
C ALA C 162 50.03 30.88 -4.39
N LYS C 163 50.25 29.58 -4.17
CA LYS C 163 50.03 28.57 -5.20
CA LYS C 163 50.03 28.57 -5.20
C LYS C 163 48.57 28.51 -5.62
N ASP C 164 47.67 28.68 -4.66
CA ASP C 164 46.24 28.74 -4.95
C ASP C 164 45.88 29.90 -5.91
N ILE C 165 46.45 31.09 -5.67
CA ILE C 165 46.27 32.26 -6.54
C ILE C 165 46.76 31.95 -7.95
N GLN C 166 47.95 31.37 -8.05
CA GLN C 166 48.55 31.12 -9.35
C GLN C 166 47.88 30.01 -10.14
N SER C 167 47.10 29.16 -9.48
CA SER C 167 46.49 28.00 -10.11
CA SER C 167 46.50 28.01 -10.14
C SER C 167 44.98 28.14 -10.30
N GLU C 168 44.45 29.35 -10.12
CA GLU C 168 43.00 29.56 -10.22
C GLU C 168 42.43 29.11 -11.56
N HIS C 169 43.20 29.35 -12.62
CA HIS C 169 42.79 29.06 -13.99
C HIS C 169 43.66 28.00 -14.66
N VAL C 170 44.40 27.22 -13.87
CA VAL C 170 45.22 26.12 -14.39
C VAL C 170 44.83 24.82 -13.71
N ASN C 171 44.49 23.81 -14.52
CA ASN C 171 44.18 22.47 -14.03
CA ASN C 171 44.19 22.49 -13.99
C ASN C 171 45.47 21.77 -13.64
N LEU C 172 45.73 21.63 -12.34
CA LEU C 172 46.99 21.07 -11.86
C LEU C 172 47.01 19.56 -11.92
N PRO C 173 48.20 18.96 -12.13
CA PRO C 173 48.25 17.52 -11.94
C PRO C 173 48.19 17.22 -10.44
N LEU C 174 47.72 16.03 -10.10
CA LEU C 174 47.63 15.63 -8.70
C LEU C 174 48.95 15.77 -7.92
N SER C 175 50.10 15.49 -8.53
CA SER C 175 51.41 15.65 -7.86
C SER C 175 51.65 17.08 -7.32
N GLN C 176 51.19 18.08 -8.07
CA GLN C 176 51.30 19.47 -7.67
C GLN C 176 50.21 19.88 -6.71
N LEU C 177 49.00 19.32 -6.87
CA LEU C 177 47.90 19.60 -5.95
C LEU C 177 48.25 19.09 -4.54
N ARG C 178 48.96 17.98 -4.46
CA ARG C 178 49.36 17.44 -3.14
C ARG C 178 50.30 18.36 -2.37
N VAL C 179 51.28 18.94 -3.09
CA VAL C 179 52.22 19.90 -2.51
C VAL C 179 51.46 21.15 -2.04
N LEU C 180 50.58 21.66 -2.91
CA LEU C 180 49.76 22.82 -2.60
C LEU C 180 48.96 22.54 -1.33
N HIS C 181 48.34 21.36 -1.25
CA HIS C 181 47.52 21.02 -0.08
C HIS C 181 48.35 20.89 1.18
N LYS C 182 49.53 20.27 1.04
CA LYS C 182 50.45 20.06 2.15
CA LYS C 182 50.40 20.06 2.18
C LYS C 182 50.86 21.39 2.78
N GLU C 183 51.02 22.39 1.94
CA GLU C 183 51.38 23.73 2.40
C GLU C 183 50.16 24.47 2.98
N LYS C 184 49.10 24.54 2.18
CA LYS C 184 47.94 25.39 2.46
C LYS C 184 47.17 24.96 3.70
N THR C 185 47.01 23.65 3.88
CA THR C 185 46.21 23.12 4.99
C THR C 185 46.95 22.06 5.83
N GLY C 186 47.85 21.31 5.22
CA GLY C 186 48.58 20.26 5.92
C GLY C 186 49.49 20.79 7.02
N ALA C 187 50.18 21.89 6.74
CA ALA C 187 51.23 22.38 7.63
C ALA C 187 50.74 22.77 9.04
N LEU C 188 49.61 23.48 9.13
CA LEU C 188 49.11 23.91 10.45
C LEU C 188 48.54 22.72 11.24
N LEU C 189 48.03 21.71 10.53
CA LEU C 189 47.56 20.50 11.20
C LEU C 189 48.72 19.63 11.66
N HIS C 190 49.80 19.60 10.86
CA HIS C 190 51.05 18.99 11.28
C HIS C 190 51.54 19.71 12.56
N TYR C 191 51.61 21.04 12.49
CA TYR C 191 52.05 21.86 13.64
C TYR C 191 51.18 21.60 14.87
N ALA C 192 49.88 21.43 14.69
CA ALA C 192 48.98 21.23 15.83
C ALA C 192 49.42 20.06 16.70
N VAL C 193 49.80 18.96 16.06
CA VAL C 193 50.30 17.81 16.78
C VAL C 193 51.73 18.03 17.27
N GLN C 194 52.60 18.57 16.41
CA GLN C 194 53.97 18.93 16.80
C GLN C 194 54.03 19.81 18.05
N ALA C 195 53.09 20.76 18.17
CA ALA C 195 53.00 21.59 19.34
C ALA C 195 52.75 20.77 20.62
N GLY C 196 51.93 19.72 20.52
CA GLY C 196 51.70 18.80 21.66
C GLY C 196 52.94 18.00 22.03
N LEU C 197 53.71 17.59 21.01
CA LEU C 197 54.96 16.87 21.24
C LEU C 197 55.96 17.74 21.97
N ILE C 198 56.02 19.02 21.58
CA ILE C 198 56.88 20.00 22.24
C ILE C 198 56.42 20.25 23.67
N LEU C 199 55.14 20.57 23.87
CA LEU C 199 54.60 20.87 25.19
C LEU C 199 54.62 19.66 26.11
N GLY C 200 54.45 18.49 25.52
CA GLY C 200 54.40 17.27 26.30
C GLY C 200 55.71 16.53 26.36
N GLN C 201 56.78 17.14 25.81
CA GLN C 201 58.13 16.56 25.78
C GLN C 201 58.14 15.10 25.35
N ALA C 202 57.60 14.84 24.16
CA ALA C 202 57.45 13.49 23.66
C ALA C 202 58.82 12.84 23.45
N PRO C 203 58.96 11.57 23.85
CA PRO C 203 60.18 10.80 23.56
C PRO C 203 60.47 10.85 22.07
N GLU C 204 61.73 11.07 21.71
CA GLU C 204 62.13 11.31 20.31
C GLU C 204 61.72 10.19 19.35
N ALA C 205 61.71 8.96 19.84
CA ALA C 205 61.41 7.81 19.02
C ALA C 205 59.93 7.72 18.65
N GLN C 206 59.09 8.47 19.37
CA GLN C 206 57.66 8.48 19.08
C GLN C 206 57.24 9.57 18.10
N TRP C 207 58.13 10.51 17.82
CA TRP C 207 57.82 11.62 16.91
C TRP C 207 57.33 11.21 15.53
N PRO C 208 58.05 10.27 14.84
CA PRO C 208 57.58 9.90 13.51
C PRO C 208 56.15 9.36 13.49
N ALA C 209 55.77 8.53 14.48
CA ALA C 209 54.40 7.98 14.51
C ALA C 209 53.33 9.06 14.69
N TYR C 210 53.55 9.96 15.66
CA TYR C 210 52.62 11.06 15.89
C TYR C 210 52.52 11.94 14.66
N LEU C 211 53.67 12.21 14.02
CA LEU C 211 53.65 13.09 12.86
C LEU C 211 53.11 12.46 11.56
N GLN C 212 53.29 11.15 11.39
CA GLN C 212 52.61 10.41 10.31
C GLN C 212 51.08 10.50 10.47
N PHE C 213 50.63 10.34 11.72
CA PHE C 213 49.23 10.56 12.09
C PHE C 213 48.76 11.97 11.71
N ALA C 214 49.57 12.98 12.04
CA ALA C 214 49.21 14.37 11.83
C ALA C 214 49.11 14.65 10.32
N ASP C 215 50.01 14.07 9.55
CA ASP C 215 50.04 14.31 8.10
C ASP C 215 48.84 13.62 7.43
N ALA C 216 48.53 12.40 7.88
CA ALA C 216 47.33 11.70 7.40
C ALA C 216 46.07 12.46 7.79
N PHE C 217 46.01 13.00 9.02
CA PHE C 217 44.82 13.76 9.42
C PHE C 217 44.62 15.00 8.56
N GLY C 218 45.71 15.75 8.36
CA GLY C 218 45.71 16.92 7.50
C GLY C 218 45.30 16.62 6.06
N LEU C 219 45.83 15.52 5.52
CA LEU C 219 45.48 15.11 4.14
C LEU C 219 43.98 14.73 4.06
N ALA C 220 43.52 13.94 5.03
CA ALA C 220 42.11 13.55 5.12
C ALA C 220 41.19 14.76 5.25
N PHE C 221 41.57 15.71 6.11
CA PHE C 221 40.86 16.97 6.31
C PHE C 221 40.67 17.65 4.95
N GLN C 222 41.72 17.71 4.16
CA GLN C 222 41.64 18.37 2.83
C GLN C 222 40.76 17.61 1.81
N ILE C 223 40.93 16.30 1.72
CA ILE C 223 40.12 15.46 0.82
C ILE C 223 38.64 15.58 1.18
N TYR C 224 38.35 15.46 2.48
CA TYR C 224 37.00 15.73 3.01
C TYR C 224 36.43 17.10 2.63
N ASP C 225 37.24 18.16 2.78
CA ASP C 225 36.84 19.52 2.44
C ASP C 225 36.49 19.62 0.94
N ASP C 226 37.33 18.99 0.11
CA ASP C 226 37.14 18.93 -1.34
C ASP C 226 35.83 18.25 -1.69
N ILE C 227 35.59 17.08 -1.10
CA ILE C 227 34.36 16.33 -1.33
C ILE C 227 33.14 17.17 -0.95
N LEU C 228 33.15 17.75 0.25
CA LEU C 228 32.02 18.54 0.74
C LEU C 228 31.69 19.73 -0.12
N ASP C 229 32.70 20.44 -0.62
CA ASP C 229 32.45 21.64 -1.40
C ASP C 229 32.06 21.34 -2.86
N VAL C 230 32.52 20.19 -3.37
CA VAL C 230 32.15 19.74 -4.71
C VAL C 230 30.67 19.32 -4.72
N VAL C 231 30.27 18.63 -3.65
CA VAL C 231 28.87 18.21 -3.47
C VAL C 231 27.95 19.41 -3.18
N SER C 232 28.29 20.22 -2.17
CA SER C 232 27.46 21.37 -1.77
C SER C 232 27.64 22.56 -2.71
N LYS C 249 37.67 21.85 -9.93
CA LYS C 249 38.65 21.22 -10.80
C LYS C 249 39.96 20.88 -10.08
N ASN C 250 40.53 21.83 -9.32
CA ASN C 250 41.69 21.53 -8.47
C ASN C 250 41.27 20.96 -7.10
N THR C 251 40.55 19.85 -7.16
CA THR C 251 40.03 19.16 -6.00
C THR C 251 40.22 17.66 -6.19
N TYR C 252 40.10 16.90 -5.10
CA TYR C 252 40.16 15.45 -5.22
C TYR C 252 39.09 14.88 -6.17
N PRO C 253 37.81 15.28 -6.00
CA PRO C 253 36.84 14.78 -6.98
C PRO C 253 37.16 15.22 -8.41
N GLY C 254 37.74 16.42 -8.57
CA GLY C 254 38.19 16.91 -9.88
C GLY C 254 39.26 16.05 -10.55
N LYS C 255 40.19 15.52 -9.74
CA LYS C 255 41.27 14.70 -10.29
C LYS C 255 40.88 13.23 -10.40
N LEU C 256 40.06 12.75 -9.47
CA LEU C 256 39.84 11.30 -9.33
C LEU C 256 38.42 10.82 -9.57
N GLY C 257 37.49 11.75 -9.64
CA GLY C 257 36.07 11.39 -9.60
C GLY C 257 35.66 11.28 -8.15
N LEU C 258 34.36 11.35 -7.91
CA LEU C 258 33.82 11.32 -6.56
C LEU C 258 34.05 9.98 -5.83
N ILE C 259 33.96 8.87 -6.57
CA ILE C 259 34.25 7.57 -5.96
C ILE C 259 35.73 7.47 -5.55
N GLY C 260 36.63 7.83 -6.48
CA GLY C 260 38.07 7.82 -6.20
C GLY C 260 38.47 8.74 -5.07
N ALA C 261 37.83 9.92 -5.00
CA ALA C 261 38.09 10.87 -3.91
C ALA C 261 37.71 10.27 -2.57
N ASN C 262 36.54 9.62 -2.52
CA ASN C 262 36.08 8.93 -1.33
C ASN C 262 36.94 7.75 -0.92
N GLN C 263 37.46 7.01 -1.91
CA GLN C 263 38.41 5.92 -1.65
C GLN C 263 39.71 6.46 -1.07
N ALA C 264 40.18 7.58 -1.62
CA ALA C 264 41.39 8.24 -1.13
C ALA C 264 41.22 8.69 0.34
N LEU C 265 40.07 9.27 0.66
CA LEU C 265 39.76 9.62 2.05
C LEU C 265 39.82 8.39 2.99
N ILE C 266 39.11 7.33 2.63
CA ILE C 266 39.12 6.07 3.40
C ILE C 266 40.55 5.53 3.60
N ASP C 267 41.33 5.48 2.51
CA ASP C 267 42.72 5.00 2.54
C ASP C 267 43.59 5.87 3.45
N THR C 268 43.38 7.18 3.40
CA THR C 268 44.13 8.13 4.26
C THR C 268 43.78 7.95 5.73
N ILE C 269 42.50 7.84 6.03
CA ILE C 269 42.08 7.55 7.41
C ILE C 269 42.73 6.27 7.93
N HIS C 270 42.73 5.22 7.10
CA HIS C 270 43.32 3.95 7.49
C HIS C 270 44.83 4.06 7.77
N SER C 271 45.53 4.80 6.91
CA SER C 271 46.97 5.00 7.11
C SER C 271 47.27 5.81 8.37
N GLY C 272 46.41 6.78 8.70
CA GLY C 272 46.57 7.54 9.97
C GLY C 272 46.30 6.68 11.19
N GLN C 273 45.29 5.81 11.10
CA GLN C 273 45.00 4.88 12.20
C GLN C 273 46.17 3.93 12.42
N ALA C 274 46.75 3.43 11.32
CA ALA C 274 47.91 2.53 11.36
C ALA C 274 49.15 3.21 11.95
N ALA C 275 49.35 4.49 11.63
CA ALA C 275 50.46 5.26 12.17
C ALA C 275 50.44 5.25 13.71
N LEU C 276 49.23 5.42 14.28
CA LEU C 276 49.04 5.44 15.72
C LEU C 276 49.23 4.10 16.39
N GLN C 277 49.07 3.04 15.61
CA GLN C 277 49.25 1.67 16.12
C GLN C 277 50.69 1.37 16.49
N GLY C 278 51.62 2.13 15.90
CA GLY C 278 53.03 2.03 16.22
C GLY C 278 53.48 2.84 17.42
N LEU C 279 52.51 3.31 18.21
CA LEU C 279 52.81 3.99 19.47
C LEU C 279 52.80 2.95 20.57
N PRO C 280 53.70 3.07 21.58
CA PRO C 280 53.96 1.96 22.51
C PRO C 280 52.80 1.54 23.40
N THR C 281 51.99 2.49 23.84
CA THR C 281 50.90 2.19 24.75
C THR C 281 49.57 2.30 24.03
N SER C 282 48.64 1.44 24.41
CA SER C 282 47.30 1.42 23.84
C SER C 282 46.49 2.68 24.13
N THR C 283 46.84 3.36 25.22
CA THR C 283 46.15 4.59 25.65
CA THR C 283 46.14 4.60 25.63
C THR C 283 46.43 5.77 24.69
N GLN C 284 47.65 5.81 24.15
CA GLN C 284 48.06 6.83 23.16
C GLN C 284 47.31 6.68 21.85
N ARG C 285 47.13 5.42 21.44
CA ARG C 285 46.42 5.05 20.22
C ARG C 285 44.95 5.51 20.20
N ASP C 286 44.26 5.32 21.32
N ASP C 286 44.30 5.49 21.37
CA ASP C 286 42.83 5.61 21.40
CA ASP C 286 42.85 5.72 21.54
C ASP C 286 42.59 7.10 21.62
C ASP C 286 42.31 7.14 21.28
N ASP C 287 43.56 7.73 22.28
N ASP C 287 42.39 8.01 22.29
CA ASP C 287 43.46 9.14 22.60
CA ASP C 287 41.72 9.32 22.22
C ASP C 287 43.39 10.04 21.36
C ASP C 287 42.16 10.16 21.01
N LEU C 288 44.15 9.69 20.32
N LEU C 288 43.36 9.87 20.52
CA LEU C 288 44.14 10.50 19.11
CA LEU C 288 43.85 10.51 19.30
C LEU C 288 43.34 9.90 17.96
C LEU C 288 43.23 9.92 18.04
N ALA C 289 43.07 8.60 18.03
CA ALA C 289 42.37 7.90 16.93
C ALA C 289 40.92 8.37 16.77
N ALA C 290 40.35 8.87 17.88
CA ALA C 290 38.99 9.37 17.90
C ALA C 290 38.83 10.54 16.94
N PHE C 291 39.90 11.29 16.70
CA PHE C 291 39.84 12.39 15.74
C PHE C 291 39.39 12.01 14.35
N PHE C 292 39.59 10.74 13.96
CA PHE C 292 39.13 10.34 12.63
C PHE C 292 37.61 10.26 12.52
N SER C 293 36.92 10.19 13.67
CA SER C 293 35.46 10.21 13.66
C SER C 293 34.86 11.58 13.30
N TYR C 294 35.71 12.63 13.19
CA TYR C 294 35.29 13.90 12.62
C TYR C 294 34.73 13.70 11.20
N PHE C 295 35.32 12.77 10.45
CA PHE C 295 34.91 12.50 9.06
C PHE C 295 33.62 11.69 8.99
N ASP C 296 33.22 11.09 10.10
CA ASP C 296 31.99 10.28 10.16
C ASP C 296 30.71 11.11 10.27
N THR C 297 30.87 12.38 10.63
CA THR C 297 29.72 13.29 10.71
C THR C 297 29.88 14.44 9.72
N GLU C 298 28.74 15.08 9.41
CA GLU C 298 28.69 16.29 8.59
C GLU C 298 29.01 17.53 9.43
N ARG C 299 29.39 18.61 8.75
CA ARG C 299 29.64 19.90 9.40
C ARG C 299 28.85 21.03 8.74
N SER D 2 -27.52 -8.95 0.91
CA SER D 2 -27.30 -10.28 1.54
C SER D 2 -26.35 -10.11 2.74
N LEU D 3 -26.69 -10.76 3.86
CA LEU D 3 -25.85 -10.73 5.05
C LEU D 3 -25.14 -12.07 5.29
N ILE D 4 -25.37 -13.06 4.43
CA ILE D 4 -24.77 -14.41 4.58
C ILE D 4 -23.26 -14.30 4.76
N ASN D 5 -22.74 -14.88 5.83
CA ASN D 5 -21.33 -14.72 6.15
C ASN D 5 -20.46 -15.87 5.67
N ALA D 6 -19.14 -15.73 5.88
CA ALA D 6 -18.18 -16.73 5.38
C ALA D 6 -18.38 -18.10 6.04
N ARG D 7 -18.71 -18.10 7.32
CA ARG D 7 -18.90 -19.36 8.04
C ARG D 7 -20.07 -20.14 7.48
N LEU D 8 -21.16 -19.44 7.19
CA LEU D 8 -22.36 -20.11 6.70
C LEU D 8 -22.16 -20.69 5.30
N ILE D 9 -21.58 -19.92 4.37
CA ILE D 9 -21.37 -20.49 3.04
CA ILE D 9 -21.35 -20.44 3.03
C ILE D 9 -20.34 -21.61 3.02
N ALA D 10 -19.33 -21.55 3.89
CA ALA D 10 -18.35 -22.65 4.00
C ALA D 10 -19.06 -23.93 4.47
N PHE D 11 -19.96 -23.76 5.44
CA PHE D 11 -20.73 -24.90 5.95
C PHE D 11 -21.63 -25.51 4.87
N GLU D 12 -22.42 -24.68 4.20
CA GLU D 12 -23.27 -25.07 3.10
CA GLU D 12 -23.26 -25.14 3.10
C GLU D 12 -22.33 -25.88 2.15
N ASP D 13 -21.36 -25.17 1.60
CA ASP D 13 -20.55 -25.67 0.49
C ASP D 13 -20.01 -27.06 0.78
N GLN D 14 -19.63 -27.30 2.04
CA GLN D 14 -19.23 -28.62 2.46
C GLN D 14 -20.44 -29.57 2.49
N TRP D 15 -21.49 -29.18 3.20
CA TRP D 15 -22.53 -30.14 3.56
C TRP D 15 -23.66 -30.41 2.59
N VAL D 16 -24.06 -29.40 1.82
CA VAL D 16 -25.17 -29.58 0.88
C VAL D 16 -24.88 -30.66 -0.18
N PRO D 17 -23.74 -30.55 -0.92
CA PRO D 17 -23.42 -31.66 -1.85
C PRO D 17 -23.33 -33.05 -1.18
N ALA D 18 -22.66 -33.10 -0.03
CA ALA D 18 -22.54 -34.32 0.75
C ALA D 18 -23.88 -34.95 1.22
N LEU D 19 -24.80 -34.13 1.71
CA LEU D 19 -26.15 -34.61 2.08
C LEU D 19 -27.00 -34.99 0.89
N ASN D 20 -26.85 -34.26 -0.22
CA ASN D 20 -27.66 -34.50 -1.41
C ASN D 20 -27.24 -35.74 -2.20
N ALA D 21 -25.93 -36.01 -2.23
CA ALA D 21 -25.39 -37.07 -3.10
C ALA D 21 -26.08 -38.46 -3.01
N PRO D 22 -26.33 -38.98 -1.78
CA PRO D 22 -26.95 -40.30 -1.77
C PRO D 22 -28.45 -40.35 -2.02
N LEU D 23 -29.14 -39.21 -2.17
CA LEU D 23 -30.61 -39.19 -2.20
C LEU D 23 -31.28 -40.06 -3.26
N LYS D 24 -30.88 -39.90 -4.52
CA LYS D 24 -31.54 -40.60 -5.59
C LYS D 24 -31.45 -42.13 -5.44
N GLN D 25 -30.25 -42.63 -5.15
CA GLN D 25 -30.01 -44.08 -5.00
C GLN D 25 -30.77 -44.61 -3.80
N ALA D 26 -30.82 -43.83 -2.73
CA ALA D 26 -31.44 -44.29 -1.49
C ALA D 26 -32.95 -44.44 -1.61
N ILE D 27 -33.60 -43.42 -2.19
CA ILE D 27 -35.03 -43.45 -2.45
C ILE D 27 -35.39 -44.61 -3.37
N LEU D 28 -34.63 -44.78 -4.45
CA LEU D 28 -34.82 -45.94 -5.34
C LEU D 28 -34.69 -47.28 -4.61
N ALA D 29 -33.64 -47.44 -3.79
CA ALA D 29 -33.38 -48.70 -3.09
C ALA D 29 -34.58 -49.07 -2.21
N ASP D 30 -35.23 -48.05 -1.66
CA ASP D 30 -36.27 -48.30 -0.68
C ASP D 30 -37.67 -48.28 -1.29
N SER D 31 -37.73 -48.28 -2.62
CA SER D 31 -39.00 -48.28 -3.37
C SER D 31 -39.16 -49.54 -4.18
N GLN D 32 -40.41 -49.89 -4.47
CA GLN D 32 -40.69 -51.06 -5.29
C GLN D 32 -41.61 -50.67 -6.44
N ASP D 33 -41.59 -49.40 -6.80
CA ASP D 33 -42.33 -48.94 -7.97
C ASP D 33 -41.58 -47.79 -8.62
N ALA D 34 -41.21 -47.98 -9.89
CA ALA D 34 -40.38 -47.00 -10.60
C ALA D 34 -40.97 -45.59 -10.65
N GLN D 35 -42.24 -45.51 -11.02
CA GLN D 35 -42.94 -44.24 -11.15
C GLN D 35 -43.10 -43.53 -9.79
N LEU D 36 -43.44 -44.28 -8.75
CA LEU D 36 -43.51 -43.71 -7.41
C LEU D 36 -42.15 -43.16 -6.96
N ALA D 37 -41.09 -43.94 -7.17
CA ALA D 37 -39.72 -43.56 -6.86
C ALA D 37 -39.35 -42.29 -7.62
N ALA D 38 -39.70 -42.23 -8.90
CA ALA D 38 -39.45 -41.03 -9.73
C ALA D 38 -40.21 -39.79 -9.23
N ALA D 39 -41.46 -39.95 -8.83
CA ALA D 39 -42.28 -38.84 -8.29
C ALA D 39 -41.72 -38.31 -6.97
N MET D 40 -41.37 -39.22 -6.04
CA MET D 40 -40.78 -38.79 -4.76
C MET D 40 -39.46 -38.07 -5.00
N THR D 41 -38.59 -38.67 -5.82
CA THR D 41 -37.25 -38.13 -6.10
C THR D 41 -37.31 -36.79 -6.83
N TYR D 42 -38.28 -36.63 -7.73
CA TYR D 42 -38.49 -35.38 -8.46
C TYR D 42 -38.60 -34.15 -7.54
N SER D 43 -39.47 -34.26 -6.54
CA SER D 43 -39.70 -33.17 -5.61
C SER D 43 -38.53 -32.98 -4.64
N VAL D 44 -37.89 -34.09 -4.25
CA VAL D 44 -36.75 -34.02 -3.32
C VAL D 44 -35.58 -33.31 -4.02
N LEU D 45 -35.36 -33.66 -5.29
CA LEU D 45 -34.21 -33.13 -6.04
C LEU D 45 -34.43 -31.87 -6.86
N ALA D 46 -35.67 -31.36 -6.87
CA ALA D 46 -36.01 -30.14 -7.62
C ALA D 46 -35.20 -28.94 -7.14
N GLY D 47 -34.96 -28.89 -5.84
CA GLY D 47 -34.25 -27.78 -5.22
C GLY D 47 -34.37 -27.97 -3.73
N GLY D 48 -34.09 -26.91 -2.99
CA GLY D 48 -34.23 -26.94 -1.55
C GLY D 48 -32.92 -26.47 -0.94
N LYS D 49 -33.02 -25.54 -0.01
CA LYS D 49 -31.87 -25.00 0.70
C LYS D 49 -31.28 -26.01 1.72
N ARG D 50 -32.06 -27.05 2.03
CA ARG D 50 -31.71 -28.07 3.03
C ARG D 50 -31.45 -27.52 4.41
N LEU D 51 -32.14 -26.42 4.76
CA LEU D 51 -31.93 -25.77 6.07
CA LEU D 51 -31.99 -25.75 6.05
C LEU D 51 -32.14 -26.71 7.23
N ARG D 52 -33.15 -27.57 7.13
CA ARG D 52 -33.47 -28.47 8.23
C ARG D 52 -32.39 -29.53 8.56
N PRO D 53 -31.99 -30.36 7.59
CA PRO D 53 -30.89 -31.29 7.93
C PRO D 53 -29.54 -30.60 8.19
N LEU D 54 -29.27 -29.48 7.50
CA LEU D 54 -28.10 -28.67 7.83
C LEU D 54 -28.03 -28.28 9.29
N LEU D 55 -29.16 -27.83 9.86
CA LEU D 55 -29.22 -27.49 11.26
C LEU D 55 -28.94 -28.69 12.16
N THR D 56 -29.45 -29.86 11.79
CA THR D 56 -29.18 -31.09 12.57
C THR D 56 -27.69 -31.37 12.59
N VAL D 57 -27.05 -31.31 11.42
CA VAL D 57 -25.60 -31.57 11.31
C VAL D 57 -24.79 -30.52 12.08
N ALA D 58 -25.14 -29.23 11.92
CA ALA D 58 -24.48 -28.13 12.64
C ALA D 58 -24.64 -28.32 14.14
N THR D 59 -25.84 -28.75 14.54
CA THR D 59 -26.06 -29.05 15.97
C THR D 59 -25.14 -30.20 16.48
N MET D 60 -25.14 -31.34 15.77
CA MET D 60 -24.23 -32.44 16.08
C MET D 60 -22.77 -32.02 16.20
N GLN D 61 -22.28 -31.25 15.21
CA GLN D 61 -20.89 -30.78 15.24
CA GLN D 61 -20.90 -30.73 15.21
C GLN D 61 -20.60 -29.89 16.43
N SER D 62 -21.60 -29.10 16.84
CA SER D 62 -21.48 -28.19 17.97
C SER D 62 -21.41 -28.93 19.31
N LEU D 63 -21.73 -30.21 19.26
CA LEU D 63 -21.70 -31.08 20.43
C LEU D 63 -20.45 -31.97 20.41
N GLY D 64 -19.60 -31.76 19.42
CA GLY D 64 -18.37 -32.51 19.27
C GLY D 64 -18.55 -33.90 18.71
N VAL D 65 -19.67 -34.14 18.05
CA VAL D 65 -20.01 -35.45 17.54
C VAL D 65 -19.85 -35.47 16.01
N THR D 66 -19.12 -36.47 15.51
CA THR D 66 -18.82 -36.63 14.09
C THR D 66 -19.96 -37.30 13.32
N PHE D 67 -20.39 -36.66 12.24
CA PHE D 67 -21.30 -37.26 11.27
C PHE D 67 -20.63 -38.47 10.58
N VAL D 68 -21.27 -39.62 10.69
CA VAL D 68 -20.85 -40.88 10.08
C VAL D 68 -21.97 -41.24 9.10
N PRO D 69 -21.71 -41.17 7.78
CA PRO D 69 -22.81 -41.36 6.83
C PRO D 69 -23.64 -42.62 7.08
N GLU D 70 -22.97 -43.77 7.29
CA GLU D 70 -23.67 -45.05 7.45
C GLU D 70 -24.55 -45.14 8.69
N ARG D 71 -24.31 -44.25 9.65
CA ARG D 71 -25.09 -44.22 10.88
C ARG D 71 -26.09 -43.08 10.86
N HIS D 72 -25.67 -41.95 10.29
CA HIS D 72 -26.41 -40.70 10.50
C HIS D 72 -27.14 -40.19 9.26
N TRP D 73 -26.72 -40.59 8.08
CA TRP D 73 -27.28 -39.97 6.87
C TRP D 73 -28.79 -40.17 6.73
N ARG D 74 -29.22 -41.43 6.79
CA ARG D 74 -30.64 -41.71 6.69
C ARG D 74 -31.43 -41.01 7.80
N PRO D 75 -30.98 -41.11 9.07
CA PRO D 75 -31.81 -40.41 10.06
C PRO D 75 -31.85 -38.89 9.91
N VAL D 76 -30.75 -38.28 9.47
CA VAL D 76 -30.69 -36.83 9.30
C VAL D 76 -31.52 -36.40 8.09
N MET D 77 -31.41 -37.16 7.02
CA MET D 77 -32.17 -36.85 5.80
C MET D 77 -33.66 -37.25 5.85
N ALA D 78 -34.06 -38.06 6.83
CA ALA D 78 -35.49 -38.32 7.08
C ALA D 78 -36.32 -37.03 7.22
N LEU D 79 -35.74 -36.04 7.90
CA LEU D 79 -36.41 -34.76 8.10
C LEU D 79 -36.58 -34.04 6.77
N GLU D 80 -35.62 -34.20 5.86
CA GLU D 80 -35.77 -33.59 4.54
C GLU D 80 -36.84 -34.28 3.68
N LEU D 81 -36.93 -35.62 3.78
CA LEU D 81 -38.01 -36.35 3.12
C LEU D 81 -39.35 -35.82 3.58
N LEU D 82 -39.50 -35.70 4.90
CA LEU D 82 -40.76 -35.24 5.47
C LEU D 82 -41.07 -33.78 5.09
N HIS D 83 -40.09 -32.90 5.21
CA HIS D 83 -40.25 -31.53 4.75
C HIS D 83 -40.75 -31.53 3.31
N THR D 84 -40.13 -32.36 2.46
CA THR D 84 -40.52 -32.39 1.03
C THR D 84 -41.94 -32.86 0.84
N TYR D 85 -42.35 -33.89 1.59
CA TYR D 85 -43.70 -34.38 1.50
C TYR D 85 -44.69 -33.24 1.79
N SER D 86 -44.36 -32.41 2.80
CA SER D 86 -45.27 -31.35 3.24
C SER D 86 -45.47 -30.33 2.13
N LEU D 87 -44.41 -30.09 1.35
CA LEU D 87 -44.51 -29.18 0.20
C LEU D 87 -45.37 -29.73 -0.93
N ILE D 88 -45.21 -31.02 -1.22
CA ILE D 88 -46.01 -31.70 -2.24
C ILE D 88 -47.49 -31.58 -1.92
N HIS D 89 -47.87 -31.89 -0.67
CA HIS D 89 -49.29 -31.84 -0.31
C HIS D 89 -49.82 -30.42 -0.20
N ASP D 90 -48.98 -29.50 0.24
CA ASP D 90 -49.33 -28.09 0.28
C ASP D 90 -49.66 -27.54 -1.12
N ASP D 91 -48.97 -28.01 -2.14
CA ASP D 91 -49.16 -27.51 -3.52
C ASP D 91 -50.37 -28.08 -4.26
N LEU D 92 -50.94 -29.17 -3.74
CA LEU D 92 -52.03 -29.91 -4.41
C LEU D 92 -53.24 -29.02 -4.73
N PRO D 93 -54.01 -29.38 -5.78
CA PRO D 93 -55.25 -28.67 -6.14
C PRO D 93 -56.19 -28.43 -4.94
N ALA D 94 -56.32 -29.44 -4.07
CA ALA D 94 -57.20 -29.35 -2.89
C ALA D 94 -56.66 -28.39 -1.82
N MET D 95 -55.41 -27.97 -1.97
CA MET D 95 -54.77 -27.11 -1.00
C MET D 95 -54.42 -25.76 -1.63
N ASP D 96 -53.15 -25.54 -1.95
CA ASP D 96 -52.76 -24.24 -2.52
C ASP D 96 -52.84 -24.16 -4.04
N ASN D 97 -53.02 -25.30 -4.69
CA ASN D 97 -53.18 -25.37 -6.16
C ASN D 97 -52.09 -24.60 -6.94
N ASP D 98 -50.83 -24.94 -6.69
CA ASP D 98 -49.72 -24.17 -7.26
C ASP D 98 -49.05 -24.85 -8.45
N ALA D 99 -48.51 -24.03 -9.34
CA ALA D 99 -47.89 -24.50 -10.57
C ALA D 99 -46.37 -24.70 -10.48
N LEU D 100 -45.70 -23.99 -9.58
CA LEU D 100 -44.24 -24.10 -9.42
C LEU D 100 -43.82 -24.29 -7.98
N ARG D 101 -42.72 -25.02 -7.79
CA ARG D 101 -42.13 -25.29 -6.48
C ARG D 101 -40.68 -25.68 -6.69
N ARG D 102 -39.78 -25.03 -5.93
CA ARG D 102 -38.32 -25.23 -6.02
C ARG D 102 -37.81 -25.07 -7.46
N GLY D 103 -38.39 -24.09 -8.16
CA GLY D 103 -37.99 -23.71 -9.53
C GLY D 103 -38.55 -24.58 -10.64
N GLU D 104 -39.32 -25.60 -10.28
CA GLU D 104 -39.80 -26.60 -11.25
C GLU D 104 -41.31 -26.71 -11.17
N PRO D 105 -41.96 -27.20 -12.25
CA PRO D 105 -43.38 -27.57 -12.15
C PRO D 105 -43.66 -28.39 -10.89
N THR D 106 -44.78 -28.12 -10.23
CA THR D 106 -45.16 -28.88 -9.02
C THR D 106 -45.41 -30.35 -9.34
N ASN D 107 -45.33 -31.19 -8.31
CA ASN D 107 -45.42 -32.62 -8.49
C ASN D 107 -46.67 -33.10 -9.23
N HIS D 108 -47.83 -32.60 -8.83
CA HIS D 108 -49.12 -32.96 -9.46
C HIS D 108 -49.23 -32.50 -10.92
N VAL D 109 -48.57 -31.40 -11.27
CA VAL D 109 -48.50 -30.97 -12.68
C VAL D 109 -47.75 -32.03 -13.52
N LYS D 110 -46.67 -32.58 -12.98
CA LYS D 110 -45.88 -33.57 -13.71
C LYS D 110 -46.48 -34.99 -13.68
N PHE D 111 -46.96 -35.44 -12.52
CA PHE D 111 -47.36 -36.83 -12.33
C PHE D 111 -48.87 -37.01 -12.17
N GLY D 112 -49.60 -35.92 -12.00
CA GLY D 112 -51.02 -36.02 -11.71
C GLY D 112 -51.24 -35.97 -10.20
N ALA D 113 -52.44 -35.55 -9.80
CA ALA D 113 -52.74 -35.29 -8.40
C ALA D 113 -52.76 -36.56 -7.55
N GLY D 114 -53.24 -37.65 -8.15
CA GLY D 114 -53.22 -38.96 -7.48
C GLY D 114 -51.83 -39.46 -7.12
N MET D 115 -50.93 -39.46 -8.10
CA MET D 115 -49.54 -39.86 -7.86
C MET D 115 -48.78 -38.89 -6.95
N ALA D 116 -49.08 -37.60 -7.06
CA ALA D 116 -48.47 -36.59 -6.16
C ALA D 116 -48.86 -36.83 -4.72
N THR D 117 -50.13 -37.14 -4.51
CA THR D 117 -50.61 -37.43 -3.15
C THR D 117 -49.85 -38.65 -2.60
N LEU D 118 -49.75 -39.69 -3.41
CA LEU D 118 -48.99 -40.89 -3.03
C LEU D 118 -47.50 -40.63 -2.81
N ALA D 119 -46.90 -39.75 -3.63
CA ALA D 119 -45.49 -39.38 -3.47
C ALA D 119 -45.30 -38.77 -2.09
N GLY D 120 -46.24 -37.90 -1.70
CA GLY D 120 -46.21 -37.31 -0.35
C GLY D 120 -46.32 -38.38 0.73
N ASP D 121 -47.31 -39.27 0.60
CA ASP D 121 -47.51 -40.34 1.60
C ASP D 121 -46.28 -41.25 1.67
N GLY D 122 -45.68 -41.52 0.52
CA GLY D 122 -44.46 -42.34 0.44
C GLY D 122 -43.29 -41.72 1.20
N LEU D 123 -43.09 -40.43 1.02
CA LEU D 123 -42.01 -39.71 1.67
C LEU D 123 -42.20 -39.60 3.17
N LEU D 124 -43.42 -39.28 3.59
CA LEU D 124 -43.72 -39.22 5.02
C LEU D 124 -43.43 -40.56 5.69
N THR D 125 -43.89 -41.65 5.07
CA THR D 125 -43.66 -42.99 5.65
C THR D 125 -42.18 -43.36 5.62
N LEU D 126 -41.54 -43.09 4.50
CA LEU D 126 -40.10 -43.39 4.36
C LEU D 126 -39.21 -42.69 5.39
N ALA D 127 -39.59 -41.48 5.81
CA ALA D 127 -38.85 -40.74 6.82
C ALA D 127 -38.77 -41.59 8.09
N PHE D 128 -39.85 -42.25 8.47
CA PHE D 128 -39.81 -43.06 9.69
C PHE D 128 -39.02 -44.36 9.51
N GLN D 129 -39.04 -44.93 8.31
CA GLN D 129 -38.13 -46.03 8.02
C GLN D 129 -36.67 -45.57 8.15
N TRP D 130 -36.34 -44.41 7.56
CA TRP D 130 -34.95 -43.91 7.61
C TRP D 130 -34.47 -43.62 9.02
N LEU D 131 -35.36 -43.11 9.89
CA LEU D 131 -35.00 -42.87 11.28
C LEU D 131 -34.54 -44.14 12.00
N THR D 132 -35.05 -45.29 11.57
CA THR D 132 -34.82 -46.56 12.29
C THR D 132 -34.04 -47.55 11.44
N ALA D 133 -33.35 -47.06 10.41
CA ALA D 133 -32.74 -47.91 9.40
C ALA D 133 -31.27 -48.21 9.63
N THR D 134 -30.68 -47.58 10.63
CA THR D 134 -29.21 -47.67 10.84
C THR D 134 -28.92 -48.23 12.22
N ASP D 135 -27.64 -48.46 12.53
CA ASP D 135 -27.32 -49.09 13.80
C ASP D 135 -27.07 -48.06 14.90
N LEU D 136 -28.07 -47.22 15.17
CA LEU D 136 -28.06 -46.36 16.34
C LEU D 136 -28.71 -47.13 17.49
N PRO D 137 -28.37 -46.79 18.75
CA PRO D 137 -29.05 -47.41 19.89
C PRO D 137 -30.56 -47.24 19.80
N ALA D 138 -31.30 -48.28 20.14
CA ALA D 138 -32.78 -48.23 20.06
C ALA D 138 -33.42 -47.08 20.86
N THR D 139 -32.85 -46.74 22.02
CA THR D 139 -33.35 -45.59 22.79
C THR D 139 -33.28 -44.29 21.99
N MET D 140 -32.17 -44.10 21.26
CA MET D 140 -31.97 -42.96 20.39
C MET D 140 -32.96 -42.99 19.20
N GLN D 141 -33.15 -44.15 18.59
CA GLN D 141 -34.10 -44.30 17.45
C GLN D 141 -35.50 -43.95 17.89
N ALA D 142 -35.93 -44.49 19.03
CA ALA D 142 -37.28 -44.23 19.52
C ALA D 142 -37.47 -42.76 19.86
N ALA D 143 -36.44 -42.14 20.46
CA ALA D 143 -36.51 -40.71 20.81
C ALA D 143 -36.68 -39.85 19.54
N LEU D 144 -35.96 -40.19 18.47
CA LEU D 144 -36.10 -39.49 17.18
C LEU D 144 -37.52 -39.61 16.61
N VAL D 145 -38.03 -40.85 16.58
CA VAL D 145 -39.38 -41.12 16.07
C VAL D 145 -40.41 -40.34 16.87
N GLN D 146 -40.38 -40.45 18.21
CA GLN D 146 -41.32 -39.70 19.04
C GLN D 146 -41.25 -38.20 18.78
N ALA D 147 -40.02 -37.67 18.68
CA ALA D 147 -39.81 -36.24 18.46
C ALA D 147 -40.29 -35.79 17.06
N LEU D 148 -39.97 -36.57 16.04
CA LEU D 148 -40.40 -36.21 14.67
C LEU D 148 -41.91 -36.33 14.47
N ALA D 149 -42.50 -37.41 14.98
CA ALA D 149 -43.94 -37.58 14.85
C ALA D 149 -44.68 -36.47 15.62
N THR D 150 -44.20 -36.13 16.83
CA THR D 150 -44.81 -35.00 17.56
C THR D 150 -44.68 -33.67 16.79
N ALA D 151 -43.51 -33.42 16.22
CA ALA D 151 -43.28 -32.19 15.48
C ALA D 151 -44.11 -32.15 14.20
N ALA D 152 -44.26 -33.28 13.55
CA ALA D 152 -44.84 -33.26 12.20
C ALA D 152 -46.35 -33.50 12.18
N GLY D 153 -46.90 -34.01 13.29
CA GLY D 153 -48.27 -34.53 13.28
C GLY D 153 -49.38 -33.56 13.67
N PRO D 154 -50.48 -34.10 14.23
CA PRO D 154 -51.68 -33.28 14.47
C PRO D 154 -51.62 -32.37 15.71
N SER D 155 -50.47 -32.29 16.37
CA SER D 155 -50.19 -31.20 17.31
C SER D 155 -49.09 -30.30 16.78
N GLY D 156 -48.50 -30.68 15.65
CA GLY D 156 -47.41 -29.90 15.08
C GLY D 156 -47.75 -29.47 13.69
N MET D 157 -46.95 -29.85 12.69
CA MET D 157 -47.08 -29.33 11.33
CA MET D 157 -47.08 -29.34 11.30
C MET D 157 -48.46 -29.50 10.66
N VAL D 158 -49.06 -30.67 10.81
CA VAL D 158 -50.38 -30.89 10.23
C VAL D 158 -51.44 -30.02 10.92
N ALA D 159 -51.36 -29.85 12.24
CA ALA D 159 -52.21 -28.87 12.96
C ALA D 159 -52.08 -27.47 12.39
N GLY D 160 -50.85 -27.05 12.08
CA GLY D 160 -50.59 -25.72 11.53
C GLY D 160 -51.21 -25.57 10.15
N GLN D 161 -51.12 -26.64 9.35
CA GLN D 161 -51.72 -26.66 8.01
C GLN D 161 -53.25 -26.59 8.10
N ALA D 162 -53.82 -27.30 9.07
CA ALA D 162 -55.26 -27.28 9.30
C ALA D 162 -55.71 -25.88 9.72
N LYS D 163 -54.91 -25.22 10.56
CA LYS D 163 -55.23 -23.85 10.97
C LYS D 163 -55.13 -22.89 9.80
N ASP D 164 -54.17 -23.15 8.89
CA ASP D 164 -54.05 -22.36 7.65
C ASP D 164 -55.29 -22.48 6.74
N ILE D 165 -55.77 -23.70 6.48
CA ILE D 165 -57.07 -23.91 5.76
C ILE D 165 -58.20 -23.11 6.38
N GLN D 166 -58.36 -23.25 7.70
CA GLN D 166 -59.45 -22.64 8.46
C GLN D 166 -59.39 -21.11 8.58
N SER D 167 -58.20 -20.55 8.43
CA SER D 167 -57.99 -19.10 8.55
CA SER D 167 -58.03 -19.09 8.55
C SER D 167 -57.81 -18.40 7.19
N GLU D 168 -58.11 -19.07 6.10
CA GLU D 168 -57.89 -18.48 4.81
C GLU D 168 -58.58 -17.14 4.58
N HIS D 169 -59.80 -17.02 5.04
CA HIS D 169 -60.52 -15.74 4.89
C HIS D 169 -60.76 -15.06 6.24
N VAL D 170 -59.95 -15.41 7.24
CA VAL D 170 -60.09 -14.90 8.59
C VAL D 170 -58.85 -14.08 8.95
N ASN D 171 -59.05 -12.81 9.31
CA ASN D 171 -57.94 -11.98 9.75
C ASN D 171 -57.58 -12.32 11.19
N LEU D 172 -56.57 -13.17 11.35
CA LEU D 172 -56.15 -13.60 12.68
C LEU D 172 -55.48 -12.46 13.44
N PRO D 173 -55.75 -12.37 14.75
CA PRO D 173 -54.89 -11.57 15.61
C PRO D 173 -53.49 -12.19 15.64
N LEU D 174 -52.48 -11.34 15.80
CA LEU D 174 -51.09 -11.77 15.80
C LEU D 174 -50.84 -12.89 16.81
N SER D 175 -51.49 -12.80 17.97
CA SER D 175 -51.42 -13.83 19.01
C SER D 175 -51.77 -15.23 18.50
N GLN D 176 -52.84 -15.33 17.71
CA GLN D 176 -53.23 -16.61 17.14
CA GLN D 176 -53.20 -16.63 17.16
C GLN D 176 -52.32 -17.04 15.98
N LEU D 177 -51.90 -16.07 15.15
CA LEU D 177 -50.96 -16.34 14.05
C LEU D 177 -49.64 -16.92 14.55
N ARG D 178 -49.21 -16.46 15.74
CA ARG D 178 -48.02 -17.01 16.41
C ARG D 178 -48.16 -18.50 16.67
N VAL D 179 -49.33 -18.91 17.18
CA VAL D 179 -49.65 -20.33 17.44
C VAL D 179 -49.62 -21.14 16.14
N LEU D 180 -50.22 -20.58 15.08
CA LEU D 180 -50.24 -21.20 13.76
C LEU D 180 -48.83 -21.41 13.20
N HIS D 181 -48.01 -20.36 13.26
CA HIS D 181 -46.62 -20.45 12.79
C HIS D 181 -45.83 -21.45 13.58
N LYS D 182 -45.99 -21.45 14.91
CA LYS D 182 -45.24 -22.38 15.76
C LYS D 182 -45.50 -23.83 15.39
N GLU D 183 -46.75 -24.15 15.06
CA GLU D 183 -47.08 -25.47 14.54
C GLU D 183 -46.60 -25.68 13.10
N LYS D 184 -46.98 -24.77 12.21
CA LYS D 184 -46.85 -24.97 10.77
C LYS D 184 -45.39 -25.04 10.32
N THR D 185 -44.56 -24.13 10.80
CA THR D 185 -43.16 -24.03 10.37
C THR D 185 -42.15 -24.14 11.52
N GLY D 186 -42.54 -23.66 12.70
CA GLY D 186 -41.67 -23.74 13.91
C GLY D 186 -41.32 -25.16 14.34
N ALA D 187 -42.30 -26.05 14.35
CA ALA D 187 -42.12 -27.40 14.87
C ALA D 187 -41.00 -28.21 14.21
N LEU D 188 -40.92 -28.18 12.88
CA LEU D 188 -39.87 -28.95 12.21
C LEU D 188 -38.49 -28.34 12.39
N LEU D 189 -38.43 -27.02 12.52
CA LEU D 189 -37.14 -26.34 12.75
C LEU D 189 -36.69 -26.56 14.20
N HIS D 190 -37.65 -26.67 15.12
CA HIS D 190 -37.37 -27.08 16.51
C HIS D 190 -36.80 -28.50 16.48
N TYR D 191 -37.50 -29.38 15.78
CA TYR D 191 -37.07 -30.76 15.68
C TYR D 191 -35.68 -30.86 15.04
N ALA D 192 -35.41 -30.04 14.01
CA ALA D 192 -34.09 -30.10 13.35
C ALA D 192 -32.94 -30.02 14.37
N VAL D 193 -33.06 -29.10 15.32
CA VAL D 193 -32.05 -28.98 16.38
C VAL D 193 -32.17 -30.09 17.43
N GLN D 194 -33.41 -30.40 17.83
CA GLN D 194 -33.64 -31.48 18.82
C GLN D 194 -33.06 -32.84 18.37
N ALA D 195 -33.20 -33.14 17.08
CA ALA D 195 -32.58 -34.34 16.50
C ALA D 195 -31.05 -34.34 16.69
N GLY D 196 -30.44 -33.16 16.55
CA GLY D 196 -28.99 -32.98 16.79
C GLY D 196 -28.66 -33.24 18.25
N LEU D 197 -29.51 -32.75 19.17
CA LEU D 197 -29.33 -33.02 20.62
C LEU D 197 -29.43 -34.52 20.93
N ILE D 198 -30.36 -35.20 20.26
CA ILE D 198 -30.52 -36.64 20.45
C ILE D 198 -29.34 -37.42 19.88
N LEU D 199 -28.99 -37.15 18.63
CA LEU D 199 -27.88 -37.86 17.98
C LEU D 199 -26.55 -37.56 18.68
N GLY D 200 -26.40 -36.32 19.15
CA GLY D 200 -25.14 -35.88 19.77
C GLY D 200 -25.12 -36.11 21.26
N GLN D 201 -26.21 -36.66 21.80
CA GLN D 201 -26.33 -36.97 23.25
C GLN D 201 -25.97 -35.73 24.09
N ALA D 202 -26.58 -34.60 23.74
CA ALA D 202 -26.37 -33.36 24.48
C ALA D 202 -26.71 -33.54 25.96
N PRO D 203 -25.84 -33.03 26.86
CA PRO D 203 -26.14 -33.06 28.28
C PRO D 203 -27.43 -32.28 28.54
N GLU D 204 -28.25 -32.76 29.47
CA GLU D 204 -29.56 -32.15 29.75
C GLU D 204 -29.53 -30.65 29.96
N ALA D 205 -28.46 -30.16 30.61
CA ALA D 205 -28.33 -28.77 30.97
C ALA D 205 -28.24 -27.82 29.78
N GLN D 206 -27.82 -28.37 28.64
CA GLN D 206 -27.66 -27.61 27.41
C GLN D 206 -28.93 -27.53 26.61
N TRP D 207 -29.88 -28.41 26.89
CA TRP D 207 -31.12 -28.45 26.07
C TRP D 207 -31.89 -27.12 26.00
N PRO D 208 -32.07 -26.41 27.16
CA PRO D 208 -32.84 -25.18 27.06
C PRO D 208 -32.25 -24.15 26.08
N ALA D 209 -30.93 -23.94 26.12
CA ALA D 209 -30.29 -22.93 25.27
C ALA D 209 -30.38 -23.33 23.83
N TYR D 210 -30.06 -24.60 23.55
CA TYR D 210 -30.21 -25.09 22.17
C TYR D 210 -31.63 -24.96 21.62
N LEU D 211 -32.64 -25.26 22.44
CA LEU D 211 -34.02 -25.24 21.93
C LEU D 211 -34.60 -23.82 21.88
N GLN D 212 -34.09 -22.93 22.73
CA GLN D 212 -34.42 -21.50 22.64
C GLN D 212 -33.86 -20.94 21.33
N PHE D 213 -32.61 -21.28 21.02
CA PHE D 213 -32.03 -20.99 19.70
C PHE D 213 -32.91 -21.52 18.55
N ALA D 214 -33.30 -22.80 18.65
CA ALA D 214 -34.13 -23.46 17.63
C ALA D 214 -35.46 -22.78 17.39
N ASP D 215 -36.15 -22.44 18.47
CA ASP D 215 -37.44 -21.73 18.38
C ASP D 215 -37.27 -20.37 17.74
N ALA D 216 -36.17 -19.69 18.06
CA ALA D 216 -35.96 -18.36 17.53
C ALA D 216 -35.64 -18.46 16.06
N PHE D 217 -34.87 -19.47 15.69
CA PHE D 217 -34.53 -19.66 14.28
C PHE D 217 -35.77 -19.93 13.47
N GLY D 218 -36.63 -20.82 13.96
CA GLY D 218 -37.88 -21.17 13.29
C GLY D 218 -38.82 -19.97 13.16
N LEU D 219 -38.91 -19.15 14.20
CA LEU D 219 -39.73 -17.94 14.12
C LEU D 219 -39.12 -16.95 13.12
N ALA D 220 -37.81 -16.71 13.21
CA ALA D 220 -37.12 -15.82 12.23
C ALA D 220 -37.33 -16.30 10.79
N PHE D 221 -37.21 -17.62 10.59
CA PHE D 221 -37.49 -18.23 9.29
C PHE D 221 -38.84 -17.80 8.69
N GLN D 222 -39.90 -17.88 9.48
CA GLN D 222 -41.24 -17.59 9.02
C GLN D 222 -41.44 -16.08 8.82
N ILE D 223 -40.90 -15.27 9.73
CA ILE D 223 -41.01 -13.80 9.60
C ILE D 223 -40.32 -13.40 8.29
N TYR D 224 -39.17 -14.01 8.03
CA TYR D 224 -38.39 -13.66 6.83
C TYR D 224 -39.10 -14.12 5.57
N ASP D 225 -39.71 -15.31 5.62
CA ASP D 225 -40.52 -15.84 4.52
C ASP D 225 -41.67 -14.88 4.21
N ASP D 226 -42.29 -14.36 5.28
CA ASP D 226 -43.39 -13.37 5.11
C ASP D 226 -42.86 -12.08 4.45
N ILE D 227 -41.70 -11.60 4.93
CA ILE D 227 -41.10 -10.36 4.38
C ILE D 227 -40.76 -10.53 2.89
N LEU D 228 -40.14 -11.68 2.54
CA LEU D 228 -39.74 -11.93 1.14
C LEU D 228 -40.91 -11.93 0.20
N ASP D 229 -42.03 -12.48 0.66
CA ASP D 229 -43.26 -12.57 -0.14
C ASP D 229 -43.78 -11.16 -0.48
N VAL D 230 -43.49 -10.18 0.37
CA VAL D 230 -43.94 -8.78 0.20
C VAL D 230 -42.95 -7.88 -0.53
N VAL D 231 -41.65 -8.01 -0.22
CA VAL D 231 -40.64 -7.08 -0.74
C VAL D 231 -40.05 -7.54 -2.07
N SER D 232 -40.37 -8.75 -2.46
CA SER D 232 -39.78 -9.28 -3.68
C SER D 232 -40.86 -9.73 -4.66
N SER D 233 -40.50 -9.68 -5.94
CA SER D 233 -41.39 -10.13 -6.99
C SER D 233 -40.88 -11.49 -7.44
N PRO D 234 -41.79 -12.44 -7.74
CA PRO D 234 -41.35 -13.80 -8.09
C PRO D 234 -40.54 -13.81 -9.40
N ALA D 235 -39.70 -14.83 -9.56
CA ALA D 235 -38.96 -15.06 -10.80
C ALA D 235 -39.90 -15.42 -11.94
N ALA D 245 -54.04 -11.60 -1.50
CA ALA D 245 -54.75 -10.53 -0.81
C ALA D 245 -55.21 -10.97 0.57
N ASP D 246 -56.07 -11.98 0.62
CA ASP D 246 -56.56 -12.56 1.87
C ASP D 246 -55.46 -13.34 2.61
N GLU D 247 -54.73 -14.13 1.86
CA GLU D 247 -53.66 -14.92 2.41
C GLU D 247 -52.51 -14.08 2.88
N ALA D 248 -52.26 -13.04 2.11
CA ALA D 248 -51.20 -12.07 2.42
C ALA D 248 -51.55 -11.23 3.66
N LYS D 249 -52.77 -11.37 4.18
CA LYS D 249 -53.12 -10.70 5.41
C LYS D 249 -52.60 -11.43 6.66
N ASN D 250 -52.55 -12.76 6.65
CA ASN D 250 -52.06 -13.51 7.82
C ASN D 250 -50.54 -13.67 7.85
N THR D 251 -49.87 -12.54 7.86
CA THR D 251 -48.43 -12.50 7.70
C THR D 251 -47.94 -11.41 8.64
N TYR D 252 -46.66 -11.45 8.98
CA TYR D 252 -46.07 -10.35 9.79
C TYR D 252 -46.22 -8.93 9.20
N PRO D 253 -45.92 -8.75 7.91
CA PRO D 253 -46.10 -7.40 7.38
C PRO D 253 -47.57 -7.00 7.33
N GLY D 254 -48.45 -7.96 7.09
CA GLY D 254 -49.87 -7.72 7.12
C GLY D 254 -50.42 -7.23 8.45
N LYS D 255 -49.86 -7.71 9.56
CA LYS D 255 -50.31 -7.29 10.91
C LYS D 255 -49.56 -6.06 11.40
N LEU D 256 -48.26 -6.00 11.11
CA LEU D 256 -47.39 -5.05 11.79
C LEU D 256 -46.87 -3.95 10.91
N GLY D 257 -47.08 -4.09 9.60
CA GLY D 257 -46.41 -3.24 8.64
C GLY D 257 -45.05 -3.84 8.37
N LEU D 258 -44.43 -3.42 7.27
CA LEU D 258 -43.17 -3.99 6.85
C LEU D 258 -42.02 -3.67 7.81
N ILE D 259 -42.00 -2.45 8.31
CA ILE D 259 -41.00 -2.01 9.25
C ILE D 259 -41.11 -2.78 10.54
N GLY D 260 -42.33 -2.89 11.05
CA GLY D 260 -42.61 -3.68 12.26
C GLY D 260 -42.25 -5.15 12.08
N ALA D 261 -42.56 -5.71 10.91
CA ALA D 261 -42.18 -7.08 10.59
C ALA D 261 -40.66 -7.23 10.62
N ASN D 262 -39.94 -6.29 10.03
CA ASN D 262 -38.46 -6.33 10.06
C ASN D 262 -37.94 -6.15 11.50
N GLN D 263 -38.62 -5.30 12.29
CA GLN D 263 -38.22 -5.15 13.67
C GLN D 263 -38.40 -6.47 14.43
N ALA D 264 -39.50 -7.17 14.14
CA ALA D 264 -39.76 -8.48 14.77
C ALA D 264 -38.68 -9.50 14.35
N LEU D 265 -38.28 -9.46 13.09
CA LEU D 265 -37.20 -10.33 12.61
C LEU D 265 -35.89 -10.08 13.36
N ILE D 266 -35.50 -8.81 13.42
CA ILE D 266 -34.27 -8.37 14.05
C ILE D 266 -34.25 -8.77 15.51
N ASP D 267 -35.36 -8.55 16.20
CA ASP D 267 -35.46 -8.91 17.62
C ASP D 267 -35.36 -10.44 17.83
N THR D 268 -35.98 -11.19 16.93
CA THR D 268 -35.98 -12.66 17.03
C THR D 268 -34.59 -13.23 16.79
N ILE D 269 -33.89 -12.71 15.79
CA ILE D 269 -32.51 -13.10 15.53
C ILE D 269 -31.63 -12.86 16.78
N HIS D 270 -31.78 -11.70 17.40
CA HIS D 270 -31.00 -11.35 18.57
C HIS D 270 -31.27 -12.29 19.74
N SER D 271 -32.54 -12.66 19.90
CA SER D 271 -32.98 -13.57 20.95
CA SER D 271 -32.96 -13.56 20.96
C SER D 271 -32.32 -14.94 20.78
N GLY D 272 -32.23 -15.37 19.51
CA GLY D 272 -31.60 -16.63 19.13
C GLY D 272 -30.12 -16.59 19.42
N GLN D 273 -29.48 -15.48 19.07
CA GLN D 273 -28.05 -15.30 19.32
C GLN D 273 -27.79 -15.28 20.82
N ALA D 274 -28.65 -14.58 21.57
CA ALA D 274 -28.49 -14.53 23.03
C ALA D 274 -28.62 -15.91 23.71
N ALA D 275 -29.47 -16.76 23.14
CA ALA D 275 -29.70 -18.11 23.67
C ALA D 275 -28.41 -18.91 23.53
N LEU D 276 -27.74 -18.75 22.39
CA LEU D 276 -26.53 -19.50 22.10
C LEU D 276 -25.34 -19.03 22.90
N GLN D 277 -25.39 -17.75 23.28
CA GLN D 277 -24.36 -17.16 24.10
C GLN D 277 -24.45 -17.69 25.53
N GLY D 278 -25.53 -18.42 25.83
CA GLY D 278 -25.69 -19.12 27.12
C GLY D 278 -24.95 -20.45 27.23
N LEU D 279 -24.37 -20.89 26.12
CA LEU D 279 -23.49 -22.07 26.07
C LEU D 279 -22.03 -21.61 25.91
N PRO D 280 -21.06 -22.48 26.24
CA PRO D 280 -19.65 -22.12 26.04
C PRO D 280 -19.32 -21.82 24.56
N THR D 281 -18.44 -20.85 24.34
CA THR D 281 -18.08 -20.43 22.98
C THR D 281 -17.25 -21.53 22.33
N SER D 282 -17.46 -21.72 21.03
CA SER D 282 -16.65 -22.63 20.22
C SER D 282 -16.81 -22.24 18.76
N THR D 283 -15.88 -22.70 17.92
CA THR D 283 -15.97 -22.44 16.47
CA THR D 283 -15.96 -22.43 16.47
C THR D 283 -17.19 -23.15 15.88
N GLN D 284 -17.53 -24.31 16.44
CA GLN D 284 -18.69 -25.04 15.96
C GLN D 284 -19.99 -24.31 16.36
N ARG D 285 -20.02 -23.74 17.55
CA ARG D 285 -21.19 -22.95 17.91
C ARG D 285 -21.28 -21.63 17.14
N ASP D 286 -20.14 -21.11 16.70
CA ASP D 286 -20.12 -19.94 15.83
C ASP D 286 -20.72 -20.32 14.47
N ASP D 287 -20.42 -21.54 14.00
CA ASP D 287 -21.01 -22.05 12.76
C ASP D 287 -22.52 -22.13 12.90
N LEU D 288 -22.97 -22.65 14.04
CA LEU D 288 -24.41 -22.72 14.28
C LEU D 288 -25.06 -21.31 14.30
N ALA D 289 -24.40 -20.36 14.97
CA ALA D 289 -24.89 -18.97 15.06
C ALA D 289 -24.96 -18.31 13.70
N ALA D 290 -24.05 -18.71 12.81
CA ALA D 290 -23.95 -18.15 11.44
C ALA D 290 -25.20 -18.45 10.61
N PHE D 291 -26.01 -19.42 11.03
CA PHE D 291 -27.27 -19.69 10.34
C PHE D 291 -28.19 -18.48 10.34
N PHE D 292 -28.07 -17.62 11.36
CA PHE D 292 -28.87 -16.38 11.39
C PHE D 292 -28.53 -15.38 10.25
N SER D 293 -27.36 -15.55 9.64
CA SER D 293 -26.93 -14.67 8.54
C SER D 293 -27.71 -14.94 7.26
N TYR D 294 -28.49 -16.04 7.22
CA TYR D 294 -29.39 -16.28 6.10
CA TYR D 294 -29.46 -16.31 6.15
C TYR D 294 -30.44 -15.15 6.00
N PHE D 295 -30.77 -14.52 7.12
CA PHE D 295 -31.78 -13.47 7.17
C PHE D 295 -31.22 -12.09 6.87
N ASP D 296 -31.61 -11.54 5.72
CA ASP D 296 -31.13 -10.20 5.36
C ASP D 296 -32.09 -9.20 5.97
N THR D 297 -31.66 -8.58 7.06
CA THR D 297 -32.50 -7.60 7.77
C THR D 297 -32.41 -6.19 7.17
N GLU D 298 -31.77 -6.07 6.02
CA GLU D 298 -31.61 -4.78 5.35
C GLU D 298 -32.46 -4.64 4.08
N ARG D 299 -33.29 -5.65 3.80
CA ARG D 299 -34.23 -5.59 2.66
C ARG D 299 -35.35 -4.57 2.88
N VAL D 300 -35.62 -4.28 4.14
CA VAL D 300 -36.60 -3.26 4.51
C VAL D 300 -35.86 -2.01 5.00
N ASN D 301 -36.36 -0.84 4.61
CA ASN D 301 -35.75 0.45 5.03
C ASN D 301 -36.57 1.18 6.08
C1 DMA E . -19.95 4.56 -4.04
O1 DMA E . -20.39 3.42 -4.79
C2 DMA E . -20.60 5.78 -4.62
C3 DMA E . -20.25 6.30 -5.81
C4 DMA E . -19.19 5.70 -6.68
C5 DMA E . -21.01 7.54 -6.25
PA DMA E . -21.39 2.34 -4.17
O1A DMA E . -22.71 3.03 -3.90
O2A DMA E . -21.35 1.15 -5.08
O3A DMA E . -20.72 2.03 -2.72
PB DMA E . -20.42 0.62 -1.98
O1B DMA E . -21.62 -0.29 -2.04
O2B DMA E . -20.15 1.11 -0.58
O3B DMA E . -19.19 0.09 -2.68
C1 DMA F . -17.79 9.29 -5.32
O1 DMA F . -18.40 10.56 -5.54
C2 DMA F . -17.02 8.92 -6.58
C3 DMA F . -15.98 8.07 -6.55
C4 DMA F . -15.26 7.75 -7.82
C5 DMA F . -15.50 7.42 -5.29
PA DMA F . -19.22 11.36 -4.40
O1A DMA F . -20.21 12.23 -5.16
O2A DMA F . -18.22 12.02 -3.50
O3A DMA F . -20.04 10.16 -3.67
PB DMA F . -19.95 9.69 -2.12
O1B DMA F . -20.15 8.19 -2.16
O2B DMA F . -21.12 10.40 -1.48
O3B DMA F . -18.62 10.10 -1.56
MG MG G . -16.42 13.27 -4.16
MG MG H . -17.51 11.68 -1.41
C1 GOL I . -34.24 -10.65 -21.64
O1 GOL I . -34.12 -9.86 -20.47
C2 GOL I . -33.01 -11.52 -21.73
O2 GOL I . -33.29 -12.85 -21.34
C3 GOL I . -32.29 -11.42 -23.07
O3 GOL I . -33.20 -11.52 -24.16
C1 DMA J . 13.66 10.25 -6.59
O1 DMA J . 14.44 9.49 -7.51
C2 DMA J . 14.02 9.84 -5.17
C3 DMA J . 13.74 8.66 -4.61
C4 DMA J . 13.02 7.54 -5.33
C5 DMA J . 14.17 8.44 -3.18
PA DMA J . 15.29 10.19 -8.68
O1A DMA J . 15.51 9.19 -9.78
O2A DMA J . 16.49 10.82 -7.99
O3A DMA J . 14.33 11.41 -9.14
PB DMA J . 14.21 12.14 -10.58
O1B DMA J . 13.11 11.40 -11.25
O2B DMA J . 13.83 13.54 -10.17
O3B DMA J . 15.55 12.08 -11.32
MG MG K . 9.23 10.32 1.88
MG MG L . 10.28 12.92 0.07
C1 DMA M . 10.79 9.06 -1.64
O1 DMA M . 11.71 8.97 -0.56
C2 DMA M . 10.39 7.67 -2.09
C3 DMA M . 9.58 7.54 -3.14
C4 DMA M . 9.06 8.74 -3.86
C5 DMA M . 9.17 6.17 -3.62
PA DMA M . 12.20 10.35 0.10
O1A DMA M . 11.01 11.16 0.52
O2A DMA M . 13.23 10.01 1.15
O3A DMA M . 12.93 10.98 -1.21
PB DMA M . 12.92 12.54 -1.65
O1B DMA M . 11.53 13.08 -1.41
O2B DMA M . 13.99 13.19 -0.80
O3B DMA M . 13.27 12.47 -3.12
C1 DMA N . 38.93 26.26 7.19
O1 DMA N . 39.28 25.35 8.23
C2 DMA N . 40.33 26.53 6.76
C3 DMA N . 40.96 25.85 5.81
C4 DMA N . 40.30 24.80 4.95
C5 DMA N . 42.39 26.24 5.61
PA DMA N . 38.23 24.75 9.27
O1A DMA N . 37.26 23.94 8.43
O2A DMA N . 39.05 24.14 10.36
O3A DMA N . 37.48 26.10 9.75
PB DMA N . 36.92 26.52 11.23
O1B DMA N . 36.33 25.32 11.95
O2B DMA N . 38.10 27.10 11.92
O3B DMA N . 35.90 27.52 10.80
C1 DMA O . 41.34 28.60 2.61
O1 DMA O . 41.10 27.75 1.49
C2 DMA O . 42.79 28.43 3.03
C3 DMA O . 43.33 29.10 4.06
C4 DMA O . 42.49 30.06 4.84
C5 DMA O . 44.78 28.90 4.44
PA DMA O . 39.69 27.79 0.72
O1A DMA O . 39.77 26.69 -0.31
O2A DMA O . 39.45 29.22 0.24
O3A DMA O . 38.68 27.34 1.89
PB DMA O . 37.35 28.11 2.43
O1B DMA O . 36.23 27.49 1.65
O2B DMA O . 37.54 29.59 2.14
O3B DMA O . 37.33 27.76 3.89
MG MG P . 38.26 30.79 0.73
MG MG Q . 41.16 30.57 -0.84
C1 GOL R . 43.45 30.84 30.87
O1 GOL R . 42.44 30.23 31.66
C2 GOL R . 44.15 32.02 31.54
O2 GOL R . 43.33 32.58 32.54
C3 GOL R . 44.48 33.04 30.46
O3 GOL R . 43.89 34.31 30.71
C1 DMA S . -40.77 -23.86 2.45
O1 DMA S . -39.60 -24.14 3.22
C2 DMA S . -41.46 -22.68 3.09
C3 DMA S . -42.07 -22.74 4.29
C4 DMA S . -42.72 -21.49 4.79
C5 DMA S . -42.12 -24.01 5.11
PA DMA S . -38.16 -23.68 2.72
O1A DMA S . -37.11 -24.27 3.64
O2A DMA S . -38.22 -22.18 2.47
O3A DMA S . -38.13 -24.41 1.27
PB DMA S . -36.99 -25.28 0.52
O1B DMA S . -37.05 -26.66 1.14
O2B DMA S . -35.71 -24.50 0.66
O3B DMA S . -37.46 -25.27 -0.93
MG MG T . -48.13 -23.01 -0.26
MG MG U . -50.07 -23.43 2.22
C1 DMA V . -46.12 -23.99 3.50
O1 DMA V . -46.94 -22.86 3.72
C2 DMA V . -46.07 -24.81 4.76
C3 DMA V . -45.81 -26.13 4.69
C4 DMA V . -45.59 -26.75 3.35
C5 DMA V . -45.76 -26.98 5.93
PA DMA V . -47.20 -21.74 2.60
O1A DMA V . -48.18 -22.32 1.63
O2A DMA V . -47.60 -20.47 3.35
O3A DMA V . -45.71 -21.54 1.96
PB DMA V . -45.23 -21.71 0.42
O1B DMA V . -46.19 -22.65 -0.27
O2B DMA V . -45.27 -20.31 -0.16
O3B DMA V . -43.82 -22.26 0.56
#